data_1VI9
#
_entry.id   1VI9
#
_cell.length_a   53.383
_cell.length_b   92.592
_cell.length_c   122.237
_cell.angle_alpha   90.00
_cell.angle_beta   99.42
_cell.angle_gamma   90.00
#
_symmetry.space_group_name_H-M   'P 1 21 1'
#
loop_
_entity.id
_entity.type
_entity.pdbx_description
1 polymer 'Pyridoxamine kinase'
2 non-polymer 'SULFATE ION'
3 non-polymer BETA-MERCAPTOETHANOL
4 water water
#
_entity_poly.entity_id   1
_entity_poly.type   'polypeptide(L)'
_entity_poly.pdbx_seq_one_letter_code
;(MSE)SL(MSE)KNILAIQSHVVYGHAGNSAAEFP(MSE)RRLGANVWPLNTVQFSNHTQYGKWTG(CSD)V(MSE)PPS
HLTEIVQGIAAIDKLHTCDAVLSGYLGSAEQGEHILGIVRQVKAANPQAKYFCDPV(MSE)GHPEKGCIVAPGVAEFHVR
HGLPASDIIAPNLVELEILCEHAVNNVEEAVLAARELIAQGPQIVLVKHLARAGYSRDRFE(MSE)LLVTADEAWHISRP
LVDFG(MSE)RQPVGVGDVTSGLLLVKLLQGATLQEALEHVTAAVYEI(MSE)VTTKA(MSE)QEYELQVVAAQDRIAKP
EHYFSATKLEGGSHHHHHH
;
_entity_poly.pdbx_strand_id   A,B,C,D
#
# COMPACT_ATOMS: atom_id res chain seq x y z
N LEU A 3 3.38 -18.36 15.08
CA LEU A 3 3.57 -17.52 13.91
C LEU A 3 2.63 -17.95 12.78
N LYS A 5 -0.87 -17.86 10.61
CA LYS A 5 -1.70 -16.70 10.22
C LYS A 5 -3.14 -17.06 10.57
N ASN A 6 -3.88 -16.12 11.12
CA ASN A 6 -5.25 -16.31 11.54
C ASN A 6 -6.16 -15.47 10.66
N ILE A 7 -7.12 -16.09 9.97
CA ILE A 7 -8.03 -15.38 9.11
C ILE A 7 -9.48 -15.56 9.61
N LEU A 8 -10.14 -14.41 9.72
CA LEU A 8 -11.56 -14.41 10.11
C LEU A 8 -12.37 -14.38 8.81
N ALA A 9 -12.96 -15.52 8.48
CA ALA A 9 -13.71 -15.67 7.22
C ALA A 9 -15.19 -15.65 7.49
N ILE A 10 -15.87 -14.66 6.93
CA ILE A 10 -17.29 -14.38 7.12
C ILE A 10 -18.06 -14.63 5.84
N GLN A 11 -18.47 -15.89 5.70
CA GLN A 11 -19.14 -16.42 4.53
C GLN A 11 -20.08 -17.56 4.93
N SER A 12 -20.81 -18.08 3.96
CA SER A 12 -21.78 -19.12 4.17
C SER A 12 -21.18 -20.47 4.58
N HIS A 13 -22.05 -21.27 5.21
CA HIS A 13 -21.72 -22.63 5.61
C HIS A 13 -22.85 -23.55 5.14
N VAL A 14 -22.45 -24.65 4.52
CA VAL A 14 -23.34 -25.67 4.01
C VAL A 14 -22.96 -26.99 4.70
N VAL A 15 -23.95 -27.70 5.21
CA VAL A 15 -23.71 -28.94 5.93
C VAL A 15 -23.18 -30.00 5.00
N TYR A 16 -23.92 -30.22 3.90
CA TYR A 16 -23.52 -31.14 2.88
C TYR A 16 -22.78 -30.32 1.81
N GLY A 17 -21.64 -30.82 1.31
CA GLY A 17 -21.00 -30.12 0.21
C GLY A 17 -20.16 -28.90 0.55
N HIS A 18 -19.73 -28.19 -0.49
CA HIS A 18 -18.83 -27.06 -0.30
C HIS A 18 -19.20 -25.80 -1.05
N ALA A 19 -19.22 -24.70 -0.28
CA ALA A 19 -19.49 -23.38 -0.84
C ALA A 19 -19.16 -22.36 0.28
N GLY A 20 -18.69 -21.19 -0.07
CA GLY A 20 -18.38 -20.17 0.92
C GLY A 20 -17.30 -20.71 1.88
N ASN A 21 -17.57 -20.52 3.18
CA ASN A 21 -16.60 -20.99 4.17
C ASN A 21 -16.40 -22.50 4.08
N SER A 22 -17.46 -23.24 3.73
CA SER A 22 -17.39 -24.68 3.57
C SER A 22 -16.51 -25.10 2.39
N ALA A 23 -16.30 -24.23 1.43
CA ALA A 23 -15.42 -24.53 0.31
C ALA A 23 -13.98 -24.08 0.63
N ALA A 24 -13.82 -22.90 1.25
CA ALA A 24 -12.57 -22.34 1.60
C ALA A 24 -11.86 -22.74 2.88
N GLU A 25 -12.55 -23.08 3.97
CA GLU A 25 -11.88 -23.39 5.23
C GLU A 25 -10.89 -24.54 5.15
N PHE A 26 -11.28 -25.72 4.67
CA PHE A 26 -10.35 -26.84 4.63
C PHE A 26 -9.13 -26.58 3.80
N PRO A 27 -9.23 -26.05 2.60
CA PRO A 27 -8.07 -25.75 1.77
C PRO A 27 -7.11 -24.78 2.42
N ARG A 29 -6.73 -24.21 5.68
CA ARG A 29 -6.13 -24.89 6.82
C ARG A 29 -5.11 -25.93 6.31
N ARG A 30 -5.36 -26.54 5.14
CA ARG A 30 -4.47 -27.55 4.57
C ARG A 30 -3.13 -26.94 4.19
N LEU A 31 -3.08 -25.65 3.89
CA LEU A 31 -1.96 -24.83 3.59
C LEU A 31 -1.28 -24.29 4.88
N GLY A 32 -1.89 -24.49 6.06
CA GLY A 32 -1.23 -24.05 7.28
C GLY A 32 -1.67 -22.78 7.92
N ALA A 33 -2.78 -22.20 7.48
CA ALA A 33 -3.27 -20.97 8.09
C ALA A 33 -4.47 -21.33 8.99
N ASN A 34 -4.71 -20.54 10.04
CA ASN A 34 -5.85 -20.77 10.87
C ASN A 34 -7.01 -19.96 10.27
N VAL A 35 -8.18 -20.59 10.32
CA VAL A 35 -9.40 -20.00 9.85
C VAL A 35 -10.44 -19.93 10.99
N TRP A 36 -10.94 -18.74 11.26
CA TRP A 36 -12.00 -18.54 12.30
C TRP A 36 -13.29 -18.40 11.48
N PRO A 37 -14.04 -19.47 11.33
CA PRO A 37 -15.19 -19.45 10.43
C PRO A 37 -16.45 -18.88 11.04
N LEU A 38 -16.73 -17.64 10.71
CA LEU A 38 -17.88 -16.90 11.17
C LEU A 38 -18.95 -17.06 10.08
N ASN A 39 -19.65 -18.18 10.17
CA ASN A 39 -20.65 -18.58 9.23
C ASN A 39 -21.86 -17.65 9.23
N THR A 40 -22.17 -17.18 8.02
CA THR A 40 -23.30 -16.24 7.86
C THR A 40 -24.64 -16.93 7.76
N VAL A 41 -24.66 -18.22 7.50
CA VAL A 41 -25.81 -19.06 7.36
C VAL A 41 -25.42 -20.53 7.69
N GLN A 42 -26.39 -21.34 7.94
CA GLN A 42 -26.25 -22.79 7.93
C GLN A 42 -27.41 -23.44 7.18
N PHE A 43 -27.03 -23.72 5.94
CA PHE A 43 -27.89 -24.32 4.94
C PHE A 43 -27.56 -25.82 4.75
N SER A 44 -28.53 -26.57 4.30
CA SER A 44 -28.42 -28.00 4.08
C SER A 44 -27.40 -28.34 2.99
N ASN A 45 -27.34 -27.53 1.96
CA ASN A 45 -26.57 -27.59 0.77
C ASN A 45 -26.60 -26.22 0.07
N HIS A 46 -25.74 -26.06 -0.93
CA HIS A 46 -25.69 -24.73 -1.57
C HIS A 46 -26.93 -24.54 -2.46
N THR A 47 -27.27 -23.28 -2.67
CA THR A 47 -28.40 -22.80 -3.42
C THR A 47 -28.42 -23.12 -4.90
N GLN A 48 -27.33 -23.51 -5.54
CA GLN A 48 -27.31 -23.85 -6.95
C GLN A 48 -27.97 -25.20 -7.23
N TYR A 49 -28.27 -25.96 -6.19
CA TYR A 49 -29.02 -27.21 -6.37
C TYR A 49 -30.47 -26.81 -6.75
N GLY A 50 -30.87 -25.61 -6.36
CA GLY A 50 -32.21 -25.09 -6.64
C GLY A 50 -33.17 -25.45 -5.51
N LYS A 51 -32.61 -26.08 -4.47
CA LYS A 51 -33.42 -26.49 -3.32
C LYS A 51 -32.53 -26.59 -2.08
N TRP A 52 -32.97 -26.13 -0.92
CA TRP A 52 -32.13 -26.20 0.30
C TRP A 52 -32.96 -25.83 1.51
N THR A 53 -32.52 -26.20 2.70
CA THR A 53 -33.19 -25.83 3.94
C THR A 53 -32.14 -25.11 4.79
N GLY A 54 -32.53 -24.66 5.98
CA GLY A 54 -31.55 -23.98 6.81
C GLY A 54 -32.01 -22.56 7.16
N VAL A 56 -30.59 -18.28 8.01
CA VAL A 56 -29.64 -17.19 7.79
C VAL A 56 -29.35 -16.54 9.14
N PRO A 58 -28.57 -13.38 11.45
CA PRO A 58 -28.75 -11.94 11.25
C PRO A 58 -27.42 -11.23 11.28
N PRO A 59 -27.26 -10.11 10.56
CA PRO A 59 -26.05 -9.34 10.54
C PRO A 59 -25.57 -9.03 11.95
N SER A 60 -26.48 -8.78 12.88
CA SER A 60 -26.16 -8.48 14.24
C SER A 60 -25.39 -9.63 14.91
N HIS A 61 -25.67 -10.87 14.54
CA HIS A 61 -24.96 -12.03 15.09
C HIS A 61 -23.48 -11.99 14.74
N LEU A 62 -23.13 -11.55 13.53
CA LEU A 62 -21.72 -11.46 13.15
C LEU A 62 -20.96 -10.53 14.12
N THR A 63 -21.54 -9.34 14.30
CA THR A 63 -21.01 -8.32 15.17
C THR A 63 -20.89 -8.81 16.61
N GLU A 64 -21.85 -9.58 17.11
CA GLU A 64 -21.81 -10.11 18.46
C GLU A 64 -20.70 -11.13 18.59
N ILE A 65 -20.57 -12.02 17.61
CA ILE A 65 -19.48 -13.00 17.63
C ILE A 65 -18.15 -12.26 17.80
N VAL A 66 -17.93 -11.24 16.96
CA VAL A 66 -16.69 -10.48 17.05
C VAL A 66 -16.48 -9.86 18.40
N GLN A 67 -17.54 -9.26 18.96
CA GLN A 67 -17.46 -8.67 20.29
C GLN A 67 -17.06 -9.77 21.29
N GLY A 68 -17.54 -11.00 21.12
CA GLY A 68 -17.16 -12.10 21.99
C GLY A 68 -15.65 -12.37 21.91
N ILE A 69 -15.10 -12.35 20.70
CA ILE A 69 -13.68 -12.60 20.48
C ILE A 69 -12.80 -11.49 21.05
N ALA A 70 -13.29 -10.25 20.98
CA ALA A 70 -12.61 -9.11 21.51
C ALA A 70 -12.62 -9.15 23.06
N ALA A 71 -13.71 -9.66 23.64
CA ALA A 71 -13.87 -9.78 25.07
C ALA A 71 -12.88 -10.75 25.69
N ILE A 72 -12.43 -11.75 24.92
CA ILE A 72 -11.44 -12.68 25.45
C ILE A 72 -10.03 -12.25 25.06
N ASP A 73 -9.91 -11.03 24.56
CA ASP A 73 -8.63 -10.41 24.21
C ASP A 73 -7.85 -11.17 23.14
N LYS A 74 -8.55 -11.61 22.09
CA LYS A 74 -7.84 -12.36 21.04
C LYS A 74 -7.92 -11.70 19.69
N LEU A 75 -8.71 -10.65 19.54
CA LEU A 75 -8.93 -9.95 18.28
C LEU A 75 -7.70 -9.35 17.65
N HIS A 76 -6.69 -8.98 18.45
CA HIS A 76 -5.44 -8.45 17.98
C HIS A 76 -4.61 -9.53 17.30
N THR A 77 -4.99 -10.81 17.47
CA THR A 77 -4.33 -11.92 16.83
C THR A 77 -4.87 -12.20 15.43
N CYS A 78 -5.89 -11.47 14.99
CA CYS A 78 -6.45 -11.65 13.64
C CYS A 78 -5.59 -10.99 12.57
N ASP A 79 -5.13 -11.76 11.58
CA ASP A 79 -4.27 -11.12 10.54
C ASP A 79 -5.08 -10.64 9.36
N ALA A 80 -6.31 -11.13 9.23
CA ALA A 80 -7.10 -10.72 8.07
C ALA A 80 -8.55 -11.07 8.21
N VAL A 81 -9.37 -10.26 7.54
CA VAL A 81 -10.81 -10.49 7.45
C VAL A 81 -11.11 -10.87 5.98
N LEU A 82 -11.84 -11.95 5.72
CA LEU A 82 -12.16 -12.40 4.37
C LEU A 82 -13.65 -12.50 4.10
N SER A 83 -14.14 -11.84 3.05
CA SER A 83 -15.59 -11.93 2.75
C SER A 83 -15.74 -12.27 1.26
N GLY A 84 -16.89 -12.76 0.87
CA GLY A 84 -17.11 -13.16 -0.52
C GLY A 84 -18.57 -12.90 -0.83
N TYR A 85 -19.34 -13.98 -1.02
CA TYR A 85 -20.76 -13.80 -1.32
C TYR A 85 -21.48 -13.13 -0.16
N LEU A 86 -22.22 -12.08 -0.45
CA LEU A 86 -23.00 -11.33 0.50
C LEU A 86 -24.50 -11.48 0.18
N GLY A 87 -25.28 -11.63 1.24
CA GLY A 87 -26.70 -11.80 1.15
C GLY A 87 -27.45 -10.47 1.20
N SER A 88 -26.84 -9.46 1.82
CA SER A 88 -27.44 -8.14 1.94
C SER A 88 -26.36 -7.07 2.10
N ALA A 89 -26.73 -5.84 1.85
CA ALA A 89 -25.79 -4.71 1.98
C ALA A 89 -25.60 -4.46 3.46
N GLU A 90 -26.66 -4.77 4.23
CA GLU A 90 -26.60 -4.63 5.67
C GLU A 90 -25.55 -5.61 6.22
N GLN A 91 -25.48 -6.78 5.60
CA GLN A 91 -24.50 -7.80 5.97
C GLN A 91 -23.10 -7.24 5.73
N GLY A 92 -22.86 -6.72 4.54
CA GLY A 92 -21.56 -6.12 4.22
C GLY A 92 -21.18 -5.04 5.22
N GLU A 93 -22.11 -4.15 5.59
CA GLU A 93 -21.80 -3.08 6.54
C GLU A 93 -21.38 -3.55 7.91
N HIS A 94 -21.93 -4.69 8.37
CA HIS A 94 -21.54 -5.24 9.65
C HIS A 94 -20.12 -5.80 9.50
N ILE A 95 -19.81 -6.32 8.32
CA ILE A 95 -18.48 -6.84 8.02
C ILE A 95 -17.47 -5.70 7.98
N LEU A 96 -17.85 -4.54 7.42
CA LEU A 96 -16.90 -3.41 7.43
C LEU A 96 -16.77 -2.88 8.85
N GLY A 97 -17.82 -3.02 9.66
CA GLY A 97 -17.77 -2.64 11.08
C GLY A 97 -16.74 -3.60 11.74
N ILE A 98 -16.81 -4.90 11.39
CA ILE A 98 -15.83 -5.87 11.92
C ILE A 98 -14.42 -5.59 11.48
N VAL A 99 -14.20 -5.20 10.24
CA VAL A 99 -12.89 -4.89 9.68
C VAL A 99 -12.22 -3.75 10.44
N ARG A 100 -12.97 -2.69 10.68
CA ARG A 100 -12.51 -1.54 11.42
C ARG A 100 -12.13 -1.96 12.85
N GLN A 101 -12.98 -2.82 13.44
CA GLN A 101 -12.66 -3.30 14.79
C GLN A 101 -11.39 -4.13 14.79
N VAL A 102 -11.18 -5.01 13.79
CA VAL A 102 -9.98 -5.82 13.70
C VAL A 102 -8.72 -4.94 13.50
N LYS A 103 -8.82 -4.01 12.57
CA LYS A 103 -7.77 -3.08 12.24
C LYS A 103 -7.40 -2.22 13.45
N ALA A 104 -8.34 -1.83 14.28
CA ALA A 104 -8.01 -1.05 15.48
C ALA A 104 -7.18 -1.89 16.44
N ALA A 105 -7.49 -3.17 16.60
CA ALA A 105 -6.82 -4.11 17.48
C ALA A 105 -5.47 -4.54 16.90
N ASN A 106 -5.40 -4.67 15.59
CA ASN A 106 -4.19 -5.06 14.88
C ASN A 106 -4.13 -4.26 13.60
N PRO A 107 -3.42 -3.13 13.58
CA PRO A 107 -3.33 -2.26 12.43
C PRO A 107 -2.69 -2.88 11.22
N GLN A 108 -2.00 -4.01 11.39
CA GLN A 108 -1.40 -4.71 10.27
C GLN A 108 -2.43 -5.62 9.59
N ALA A 109 -3.59 -5.82 10.17
CA ALA A 109 -4.61 -6.67 9.54
C ALA A 109 -5.06 -6.15 8.17
N LYS A 110 -5.38 -7.11 7.30
CA LYS A 110 -5.82 -6.83 5.95
C LYS A 110 -7.23 -7.35 5.69
N TYR A 111 -7.93 -6.63 4.84
CA TYR A 111 -9.28 -7.07 4.46
C TYR A 111 -9.22 -7.60 3.02
N PHE A 112 -9.53 -8.87 2.84
CA PHE A 112 -9.56 -9.47 1.52
C PHE A 112 -11.05 -9.54 1.13
N CYS A 113 -11.42 -8.71 0.17
CA CYS A 113 -12.76 -8.70 -0.34
C CYS A 113 -12.87 -9.39 -1.70
N ASP A 114 -13.68 -10.44 -1.75
CA ASP A 114 -13.96 -11.10 -3.05
C ASP A 114 -15.36 -10.48 -3.31
N PRO A 115 -15.46 -9.51 -4.22
CA PRO A 115 -16.68 -8.76 -4.47
C PRO A 115 -17.67 -9.50 -5.34
N VAL A 116 -18.15 -10.63 -4.84
CA VAL A 116 -19.04 -11.53 -5.56
C VAL A 116 -20.31 -10.85 -5.97
N GLY A 118 -21.62 -11.31 -9.86
CA GLY A 118 -22.27 -11.96 -10.99
C GLY A 118 -21.32 -12.88 -11.73
N HIS A 119 -21.89 -13.66 -12.66
CA HIS A 119 -21.13 -14.58 -13.49
C HIS A 119 -21.22 -14.12 -14.94
N PRO A 120 -20.27 -14.54 -15.77
CA PRO A 120 -20.22 -14.17 -17.16
C PRO A 120 -21.36 -14.74 -17.99
N GLU A 121 -22.14 -15.68 -17.47
CA GLU A 121 -23.25 -16.27 -18.21
C GLU A 121 -24.58 -16.05 -17.52
N LYS A 122 -24.60 -16.33 -16.22
CA LYS A 122 -25.78 -16.24 -15.39
C LYS A 122 -26.18 -14.82 -15.03
N GLY A 123 -25.30 -13.85 -15.28
CA GLY A 123 -25.58 -12.46 -14.96
C GLY A 123 -25.54 -12.20 -13.46
N CYS A 124 -26.21 -11.14 -13.05
CA CYS A 124 -26.31 -10.75 -11.64
C CYS A 124 -26.70 -11.92 -10.77
N ILE A 125 -25.99 -12.20 -9.67
CA ILE A 125 -26.33 -13.33 -8.82
C ILE A 125 -26.48 -12.94 -7.36
N VAL A 126 -26.37 -11.64 -7.06
CA VAL A 126 -26.52 -11.19 -5.68
C VAL A 126 -27.77 -10.33 -5.53
N ALA A 127 -28.28 -10.19 -4.33
CA ALA A 127 -29.48 -9.38 -4.11
C ALA A 127 -29.19 -7.89 -4.35
N PRO A 128 -30.26 -7.12 -4.54
CA PRO A 128 -30.17 -5.69 -4.78
C PRO A 128 -29.53 -5.00 -3.58
N GLY A 129 -28.58 -4.09 -3.79
CA GLY A 129 -27.93 -3.47 -2.63
C GLY A 129 -26.49 -3.99 -2.52
N VAL A 130 -26.30 -5.29 -2.75
CA VAL A 130 -24.96 -5.86 -2.66
C VAL A 130 -23.98 -5.21 -3.62
N ALA A 131 -24.29 -5.15 -4.92
CA ALA A 131 -23.37 -4.57 -5.88
C ALA A 131 -23.05 -3.12 -5.54
N GLU A 132 -24.05 -2.34 -5.16
CA GLU A 132 -23.84 -0.94 -4.78
C GLU A 132 -22.93 -0.87 -3.55
N PHE A 133 -23.13 -1.80 -2.61
CA PHE A 133 -22.31 -1.87 -1.41
C PHE A 133 -20.82 -1.99 -1.76
N HIS A 134 -20.50 -2.94 -2.64
CA HIS A 134 -19.11 -3.15 -3.00
C HIS A 134 -18.52 -1.97 -3.77
N VAL A 135 -19.33 -1.40 -4.68
CA VAL A 135 -18.84 -0.27 -5.47
C VAL A 135 -18.42 0.86 -4.53
N ARG A 136 -19.36 1.32 -3.72
CA ARG A 136 -19.22 2.39 -2.80
C ARG A 136 -18.51 2.14 -1.49
N HIS A 137 -18.68 1.00 -0.82
CA HIS A 137 -18.05 0.76 0.47
C HIS A 137 -17.03 -0.35 0.51
N GLY A 138 -17.31 -1.50 -0.08
CA GLY A 138 -16.37 -2.60 -0.07
C GLY A 138 -15.03 -2.30 -0.69
N LEU A 139 -15.02 -1.74 -1.91
CA LEU A 139 -13.81 -1.43 -2.63
C LEU A 139 -12.81 -0.58 -1.88
N PRO A 140 -13.18 0.61 -1.41
CA PRO A 140 -12.29 1.50 -0.69
C PRO A 140 -11.77 0.94 0.62
N ALA A 141 -12.52 0.07 1.28
CA ALA A 141 -12.13 -0.55 2.53
C ALA A 141 -11.16 -1.71 2.33
N SER A 142 -11.19 -2.34 1.18
CA SER A 142 -10.36 -3.51 0.92
C SER A 142 -8.89 -3.19 0.71
N ASP A 143 -8.08 -4.19 1.00
CA ASP A 143 -6.64 -4.17 0.84
C ASP A 143 -6.27 -5.08 -0.32
N ILE A 144 -7.08 -6.13 -0.48
CA ILE A 144 -6.90 -7.11 -1.53
C ILE A 144 -8.33 -7.37 -2.07
N ILE A 145 -8.48 -7.30 -3.38
CA ILE A 145 -9.82 -7.47 -3.98
C ILE A 145 -9.68 -8.43 -5.15
N ALA A 146 -10.71 -9.25 -5.39
CA ALA A 146 -10.63 -10.28 -6.40
C ALA A 146 -11.87 -10.43 -7.27
N PRO A 147 -12.20 -9.41 -8.05
CA PRO A 147 -13.37 -9.49 -8.92
C PRO A 147 -13.14 -10.32 -10.16
N ASN A 148 -14.19 -10.96 -10.69
CA ASN A 148 -14.03 -11.66 -12.00
C ASN A 148 -14.17 -10.55 -13.07
N LEU A 149 -14.24 -10.84 -14.36
CA LEU A 149 -14.35 -9.82 -15.38
C LEU A 149 -15.60 -8.95 -15.25
N VAL A 150 -16.75 -9.51 -14.94
CA VAL A 150 -17.96 -8.71 -14.80
C VAL A 150 -17.88 -7.84 -13.55
N GLU A 151 -17.32 -8.36 -12.46
CA GLU A 151 -17.20 -7.58 -11.22
C GLU A 151 -16.22 -6.40 -11.40
N LEU A 152 -15.17 -6.62 -12.15
CA LEU A 152 -14.16 -5.61 -12.42
C LEU A 152 -14.82 -4.44 -13.17
N GLU A 153 -15.61 -4.82 -14.18
CA GLU A 153 -16.34 -3.81 -14.96
C GLU A 153 -17.28 -2.99 -14.09
N ILE A 154 -17.99 -3.62 -13.15
CA ILE A 154 -18.89 -2.91 -12.27
C ILE A 154 -18.14 -1.96 -11.33
N LEU A 155 -17.07 -2.47 -10.72
CA LEU A 155 -16.24 -1.73 -9.81
C LEU A 155 -15.54 -0.54 -10.46
N CYS A 156 -15.04 -0.67 -11.67
CA CYS A 156 -14.36 0.43 -12.37
C CYS A 156 -15.34 1.31 -13.14
N GLU A 157 -16.57 0.88 -13.28
CA GLU A 157 -17.65 1.58 -13.95
C GLU A 157 -17.47 1.79 -15.44
N HIS A 158 -16.96 0.78 -16.13
CA HIS A 158 -16.78 0.81 -17.56
C HIS A 158 -16.37 -0.58 -18.05
N ALA A 159 -16.26 -0.70 -19.37
CA ALA A 159 -15.90 -1.94 -19.98
C ALA A 159 -14.40 -2.20 -19.97
N VAL A 160 -14.10 -3.48 -19.96
CA VAL A 160 -12.75 -4.06 -19.98
C VAL A 160 -12.78 -5.12 -21.07
N ASN A 161 -11.99 -4.98 -22.13
CA ASN A 161 -12.06 -5.93 -23.23
C ASN A 161 -10.85 -6.78 -23.43
N ASN A 162 -9.69 -6.39 -22.94
CA ASN A 162 -8.48 -7.19 -23.10
C ASN A 162 -7.64 -7.13 -21.81
N VAL A 163 -6.54 -7.84 -21.83
CA VAL A 163 -5.58 -7.92 -20.73
C VAL A 163 -5.02 -6.55 -20.39
N GLU A 164 -4.62 -5.81 -21.44
CA GLU A 164 -4.08 -4.47 -21.24
C GLU A 164 -5.06 -3.57 -20.52
N GLU A 165 -6.37 -3.65 -20.81
CA GLU A 165 -7.28 -2.79 -20.06
C GLU A 165 -7.77 -3.45 -18.79
N ALA A 166 -7.46 -4.74 -18.61
CA ALA A 166 -7.86 -5.37 -17.33
C ALA A 166 -6.85 -4.81 -16.30
N VAL A 167 -5.60 -4.75 -16.70
CA VAL A 167 -4.52 -4.21 -15.86
C VAL A 167 -4.86 -2.74 -15.55
N LEU A 168 -5.17 -1.96 -16.59
CA LEU A 168 -5.55 -0.56 -16.33
C LEU A 168 -6.67 -0.46 -15.31
N ALA A 169 -7.78 -1.18 -15.51
CA ALA A 169 -8.90 -1.16 -14.60
C ALA A 169 -8.51 -1.53 -13.16
N ALA A 170 -7.62 -2.51 -13.05
CA ALA A 170 -7.15 -2.97 -11.73
C ALA A 170 -6.40 -1.81 -11.05
N ARG A 171 -5.64 -1.02 -11.82
CA ARG A 171 -4.93 0.11 -11.18
C ARG A 171 -5.85 1.21 -10.75
N GLU A 172 -7.02 1.34 -11.40
CA GLU A 172 -8.01 2.33 -11.00
C GLU A 172 -8.61 1.91 -9.66
N LEU A 173 -8.83 0.60 -9.48
CA LEU A 173 -9.36 0.10 -8.21
C LEU A 173 -8.33 0.37 -7.11
N ILE A 174 -7.07 0.07 -7.43
CA ILE A 174 -5.96 0.26 -6.51
C ILE A 174 -5.88 1.71 -6.06
N ALA A 175 -6.13 2.63 -6.96
CA ALA A 175 -6.14 4.06 -6.64
C ALA A 175 -7.19 4.36 -5.59
N GLN A 176 -8.25 3.56 -5.49
CA GLN A 176 -9.29 3.72 -4.51
C GLN A 176 -9.03 3.07 -3.15
N GLY A 177 -8.04 2.19 -3.02
CA GLY A 177 -7.80 1.57 -1.74
C GLY A 177 -6.89 0.36 -1.71
N PRO A 178 -7.34 -0.77 -2.29
CA PRO A 178 -6.59 -2.00 -2.31
C PRO A 178 -5.20 -1.85 -2.87
N GLN A 179 -4.28 -2.70 -2.45
CA GLN A 179 -2.92 -2.69 -2.92
C GLN A 179 -2.69 -3.82 -3.91
N ILE A 180 -3.52 -4.86 -3.86
CA ILE A 180 -3.40 -6.03 -4.73
C ILE A 180 -4.75 -6.36 -5.35
N VAL A 181 -4.81 -6.61 -6.65
CA VAL A 181 -6.05 -6.93 -7.35
C VAL A 181 -5.87 -8.27 -8.11
N LEU A 182 -6.73 -9.23 -7.73
CA LEU A 182 -6.71 -10.51 -8.41
C LEU A 182 -7.90 -10.50 -9.38
N VAL A 183 -7.70 -10.39 -10.68
CA VAL A 183 -8.88 -10.48 -11.58
C VAL A 183 -9.05 -12.02 -11.68
N LYS A 184 -9.93 -12.60 -10.86
CA LYS A 184 -10.14 -14.02 -10.69
C LYS A 184 -10.66 -14.84 -11.85
N HIS A 185 -11.12 -14.25 -12.92
CA HIS A 185 -11.59 -14.93 -14.13
C HIS A 185 -11.66 -13.82 -15.19
N LEU A 186 -10.72 -13.86 -16.10
CA LEU A 186 -10.60 -12.89 -17.17
C LEU A 186 -11.73 -13.06 -18.20
N ALA A 187 -12.08 -14.32 -18.43
CA ALA A 187 -13.13 -14.66 -19.37
C ALA A 187 -12.86 -14.03 -20.73
N ARG A 188 -13.82 -13.25 -21.18
CA ARG A 188 -13.90 -12.52 -22.41
C ARG A 188 -12.67 -11.69 -22.71
N ALA A 189 -12.15 -11.03 -21.68
CA ALA A 189 -11.01 -10.16 -21.73
C ALA A 189 -9.68 -10.87 -21.74
N GLY A 190 -9.66 -12.17 -21.46
CA GLY A 190 -8.41 -12.93 -21.45
C GLY A 190 -7.69 -12.85 -22.79
N TYR A 191 -6.50 -13.41 -22.84
CA TYR A 191 -5.56 -13.48 -23.92
C TYR A 191 -5.77 -14.60 -24.94
N SER A 192 -6.53 -15.60 -24.54
CA SER A 192 -6.82 -16.76 -25.38
C SER A 192 -8.07 -17.37 -24.77
N ARG A 193 -9.21 -17.07 -25.37
CA ARG A 193 -10.47 -17.62 -24.84
C ARG A 193 -10.30 -19.13 -24.87
N ASP A 194 -11.22 -19.90 -24.35
CA ASP A 194 -11.20 -21.34 -24.30
C ASP A 194 -10.29 -21.86 -23.19
N ARG A 195 -9.72 -20.96 -22.39
CA ARG A 195 -8.86 -21.37 -21.28
C ARG A 195 -9.13 -20.45 -20.10
N PHE A 196 -8.68 -20.88 -18.91
CA PHE A 196 -8.93 -20.09 -17.72
C PHE A 196 -7.73 -19.21 -17.41
N GLU A 197 -7.99 -17.91 -17.44
CA GLU A 197 -6.95 -16.92 -17.19
C GLU A 197 -7.28 -15.97 -16.04
N LEU A 199 -5.29 -12.57 -13.60
CA LEU A 199 -4.29 -11.55 -13.45
C LEU A 199 -4.11 -11.21 -11.94
N LEU A 200 -2.86 -11.01 -11.56
CA LEU A 200 -2.57 -10.58 -10.19
C LEU A 200 -1.83 -9.23 -10.35
N VAL A 201 -2.50 -8.15 -9.95
CA VAL A 201 -1.95 -6.82 -10.11
C VAL A 201 -1.74 -5.98 -8.88
N THR A 202 -0.65 -5.20 -8.95
CA THR A 202 -0.26 -4.21 -7.98
C THR A 202 -0.02 -2.89 -8.75
N ALA A 203 0.39 -1.86 -8.04
CA ALA A 203 0.65 -0.58 -8.70
C ALA A 203 1.78 -0.68 -9.71
N ASP A 204 2.81 -1.47 -9.40
CA ASP A 204 3.95 -1.62 -10.27
C ASP A 204 4.22 -3.01 -10.81
N GLU A 205 3.31 -3.95 -10.74
CA GLU A 205 3.49 -5.29 -11.25
C GLU A 205 2.16 -5.86 -11.74
N ALA A 206 2.27 -6.71 -12.75
CA ALA A 206 1.07 -7.38 -13.27
C ALA A 206 1.53 -8.77 -13.73
N TRP A 207 0.97 -9.81 -13.15
CA TRP A 207 1.31 -11.17 -13.51
C TRP A 207 0.09 -11.85 -14.15
N HIS A 208 0.36 -12.65 -15.20
CA HIS A 208 -0.68 -13.34 -15.91
C HIS A 208 -0.54 -14.86 -15.76
N ILE A 209 -1.64 -15.61 -15.75
CA ILE A 209 -1.45 -17.07 -15.65
C ILE A 209 -2.63 -17.75 -16.32
N SER A 210 -2.41 -18.99 -16.73
CA SER A 210 -3.50 -19.73 -17.36
C SER A 210 -3.53 -21.18 -16.99
N ARG A 211 -4.70 -21.79 -16.99
CA ARG A 211 -4.80 -23.22 -16.71
C ARG A 211 -5.92 -23.70 -17.61
N PRO A 212 -5.99 -24.98 -17.92
CA PRO A 212 -7.02 -25.50 -18.80
C PRO A 212 -8.43 -25.40 -18.25
N LEU A 213 -9.40 -25.27 -19.16
CA LEU A 213 -10.79 -25.25 -18.72
C LEU A 213 -11.15 -26.73 -18.54
N VAL A 214 -12.03 -27.00 -17.62
CA VAL A 214 -12.49 -28.35 -17.32
C VAL A 214 -14.00 -28.39 -17.52
N ASP A 215 -14.44 -29.23 -18.44
CA ASP A 215 -15.86 -29.34 -18.79
C ASP A 215 -16.73 -30.03 -17.78
N PHE A 216 -17.74 -29.32 -17.26
CA PHE A 216 -18.69 -29.87 -16.30
C PHE A 216 -20.11 -29.78 -16.84
N GLY A 217 -20.23 -29.49 -18.12
CA GLY A 217 -21.48 -29.37 -18.84
C GLY A 217 -22.48 -28.44 -18.21
N ARG A 219 -23.78 -28.73 -15.22
CA ARG A 219 -23.80 -28.80 -13.75
C ARG A 219 -22.46 -28.31 -13.23
N GLN A 220 -22.19 -27.02 -13.37
CA GLN A 220 -20.92 -26.42 -12.96
C GLN A 220 -20.78 -26.34 -11.43
N PRO A 221 -19.77 -26.98 -10.89
CA PRO A 221 -19.52 -26.99 -9.46
C PRO A 221 -19.33 -25.60 -8.88
N VAL A 222 -19.92 -25.38 -7.73
CA VAL A 222 -19.87 -24.15 -6.97
C VAL A 222 -18.65 -24.10 -6.05
N GLY A 223 -18.16 -22.87 -5.84
CA GLY A 223 -17.11 -22.58 -4.95
C GLY A 223 -15.71 -22.43 -5.42
N VAL A 224 -15.46 -22.47 -6.73
CA VAL A 224 -14.11 -22.31 -7.26
C VAL A 224 -13.52 -20.96 -6.84
N GLY A 225 -14.35 -19.93 -6.93
CA GLY A 225 -13.97 -18.56 -6.61
C GLY A 225 -13.62 -18.47 -5.10
N ASP A 226 -14.44 -19.07 -4.28
CA ASP A 226 -14.27 -19.08 -2.84
C ASP A 226 -12.91 -19.73 -2.51
N VAL A 227 -12.62 -20.87 -3.13
CA VAL A 227 -11.33 -21.51 -2.87
C VAL A 227 -10.17 -20.65 -3.36
N THR A 228 -10.25 -20.09 -4.57
CA THR A 228 -9.18 -19.26 -5.11
C THR A 228 -8.83 -18.07 -4.21
N SER A 229 -9.84 -17.32 -3.81
CA SER A 229 -9.66 -16.18 -2.92
C SER A 229 -9.03 -16.58 -1.58
N GLY A 230 -9.59 -17.61 -0.95
CA GLY A 230 -9.06 -18.06 0.37
C GLY A 230 -7.61 -18.52 0.24
N LEU A 231 -7.28 -19.26 -0.83
CA LEU A 231 -5.90 -19.70 -0.97
C LEU A 231 -4.96 -18.53 -1.26
N LEU A 232 -5.39 -17.55 -2.04
CA LEU A 232 -4.52 -16.40 -2.35
C LEU A 232 -4.17 -15.63 -1.07
N LEU A 233 -5.18 -15.36 -0.26
CA LEU A 233 -4.99 -14.67 1.02
C LEU A 233 -3.97 -15.43 1.87
N VAL A 234 -4.13 -16.74 2.02
CA VAL A 234 -3.19 -17.54 2.78
C VAL A 234 -1.77 -17.36 2.20
N LYS A 235 -1.60 -17.56 0.90
CA LYS A 235 -0.26 -17.41 0.30
C LYS A 235 0.32 -16.01 0.56
N LEU A 236 -0.43 -14.94 0.40
CA LEU A 236 0.07 -13.59 0.66
C LEU A 236 0.43 -13.36 2.11
N LEU A 237 -0.43 -13.78 3.06
CA LEU A 237 -0.14 -13.60 4.47
C LEU A 237 1.12 -14.37 4.86
N GLN A 238 1.37 -15.53 4.25
CA GLN A 238 2.54 -16.31 4.55
C GLN A 238 3.82 -15.75 3.94
N GLY A 239 3.76 -14.62 3.26
CA GLY A 239 4.88 -13.98 2.63
C GLY A 239 5.21 -14.43 1.22
N ALA A 240 4.32 -15.12 0.52
CA ALA A 240 4.65 -15.54 -0.86
C ALA A 240 4.78 -14.33 -1.78
N THR A 241 5.65 -14.45 -2.78
CA THR A 241 5.74 -13.33 -3.74
C THR A 241 4.48 -13.38 -4.59
N LEU A 242 4.27 -12.39 -5.46
CA LEU A 242 3.08 -12.41 -6.33
C LEU A 242 3.04 -13.62 -7.23
N GLN A 243 4.17 -14.02 -7.78
CA GLN A 243 4.29 -15.14 -8.70
C GLN A 243 4.08 -16.49 -8.00
N GLU A 244 4.73 -16.67 -6.87
CA GLU A 244 4.59 -17.87 -6.05
C GLU A 244 3.14 -18.06 -5.63
N ALA A 245 2.52 -16.97 -5.17
CA ALA A 245 1.13 -17.04 -4.75
C ALA A 245 0.26 -17.49 -5.92
N LEU A 246 0.45 -16.73 -7.03
CA LEU A 246 -0.30 -16.97 -8.23
C LEU A 246 -0.07 -18.37 -8.76
N GLU A 247 1.17 -18.84 -8.84
CA GLU A 247 1.39 -20.21 -9.35
C GLU A 247 0.87 -21.27 -8.44
N HIS A 248 1.00 -21.05 -7.11
CA HIS A 248 0.47 -22.11 -6.22
C HIS A 248 -1.06 -22.13 -6.26
N VAL A 249 -1.73 -21.00 -6.12
CA VAL A 249 -3.20 -20.96 -6.13
C VAL A 249 -3.78 -21.56 -7.40
N THR A 250 -3.21 -21.23 -8.56
CA THR A 250 -3.72 -21.71 -9.83
C THR A 250 -3.67 -23.22 -9.94
N ALA A 251 -2.53 -23.79 -9.61
CA ALA A 251 -2.28 -25.20 -9.66
C ALA A 251 -3.16 -25.95 -8.66
N ALA A 252 -3.24 -25.41 -7.42
CA ALA A 252 -4.05 -26.07 -6.40
C ALA A 252 -5.50 -26.15 -6.80
N VAL A 253 -6.10 -25.07 -7.27
CA VAL A 253 -7.50 -25.09 -7.69
C VAL A 253 -7.71 -26.03 -8.85
N TYR A 254 -6.76 -26.06 -9.80
CA TYR A 254 -6.88 -27.00 -10.93
C TYR A 254 -6.84 -28.44 -10.45
N GLU A 255 -6.01 -28.74 -9.45
CA GLU A 255 -5.96 -30.07 -8.87
C GLU A 255 -7.31 -30.46 -8.29
N ILE A 256 -7.97 -29.52 -7.60
CA ILE A 256 -9.31 -29.87 -7.06
C ILE A 256 -10.28 -30.16 -8.22
N VAL A 258 -9.64 -31.20 -11.36
CA VAL A 258 -9.39 -32.44 -12.08
C VAL A 258 -9.93 -33.62 -11.30
N THR A 259 -9.70 -33.58 -9.97
CA THR A 259 -10.23 -34.62 -9.12
C THR A 259 -11.75 -34.60 -9.11
N THR A 260 -12.36 -33.44 -9.10
CA THR A 260 -13.80 -33.34 -9.10
C THR A 260 -14.38 -34.01 -10.36
N LYS A 261 -13.77 -33.70 -11.49
CA LYS A 261 -14.14 -34.24 -12.78
C LYS A 261 -13.94 -35.75 -12.85
N ALA A 262 -12.79 -36.24 -12.38
CA ALA A 262 -12.44 -37.64 -12.39
C ALA A 262 -13.39 -38.47 -11.55
N GLN A 264 -16.46 -37.74 -11.18
CA GLN A 264 -17.80 -37.43 -11.71
C GLN A 264 -18.67 -36.80 -10.65
N GLU A 265 -18.08 -35.80 -9.95
CA GLU A 265 -18.79 -35.12 -8.89
C GLU A 265 -19.30 -33.73 -9.20
N TYR A 266 -20.41 -33.41 -8.56
CA TYR A 266 -20.99 -32.07 -8.67
C TYR A 266 -20.31 -31.18 -7.60
N GLU A 267 -19.97 -31.80 -6.48
CA GLU A 267 -19.35 -31.09 -5.37
C GLU A 267 -17.85 -30.95 -5.51
N LEU A 268 -17.32 -29.73 -5.23
CA LEU A 268 -15.86 -29.58 -5.33
C LEU A 268 -15.17 -30.56 -4.35
N GLN A 269 -14.24 -31.39 -4.83
CA GLN A 269 -13.62 -32.38 -3.96
C GLN A 269 -12.37 -31.94 -3.25
N VAL A 270 -12.52 -30.97 -2.35
CA VAL A 270 -11.45 -30.37 -1.59
C VAL A 270 -10.76 -31.33 -0.64
N VAL A 271 -11.51 -32.29 -0.06
CA VAL A 271 -10.85 -33.26 0.80
C VAL A 271 -10.09 -34.31 -0.03
N ALA A 272 -10.71 -34.87 -1.09
CA ALA A 272 -10.04 -35.87 -1.90
C ALA A 272 -8.75 -35.34 -2.51
N ALA A 273 -8.71 -34.09 -2.93
CA ALA A 273 -7.54 -33.49 -3.55
C ALA A 273 -6.57 -32.83 -2.59
N GLN A 274 -6.73 -33.00 -1.27
CA GLN A 274 -5.92 -32.33 -0.29
C GLN A 274 -4.42 -32.39 -0.41
N ASP A 275 -3.75 -33.51 -0.65
CA ASP A 275 -2.31 -33.54 -0.80
C ASP A 275 -1.85 -32.70 -2.00
N ARG A 276 -2.70 -32.57 -3.01
CA ARG A 276 -2.36 -31.76 -4.18
C ARG A 276 -2.73 -30.32 -4.00
N ILE A 277 -3.38 -30.00 -2.85
CA ILE A 277 -3.67 -28.57 -2.58
C ILE A 277 -2.35 -28.03 -1.98
N ALA A 278 -1.80 -28.77 -1.01
CA ALA A 278 -0.58 -28.40 -0.34
C ALA A 278 0.61 -28.49 -1.32
N LYS A 279 0.60 -29.52 -2.16
CA LYS A 279 1.70 -29.73 -3.11
C LYS A 279 1.18 -30.19 -4.45
N PRO A 280 0.76 -29.24 -5.28
CA PRO A 280 0.19 -29.57 -6.58
C PRO A 280 1.20 -30.33 -7.44
N GLU A 281 0.73 -31.27 -8.23
CA GLU A 281 1.68 -31.97 -9.13
C GLU A 281 1.78 -31.17 -10.44
N HIS A 282 0.68 -30.49 -10.78
CA HIS A 282 0.62 -29.70 -11.99
C HIS A 282 1.37 -28.39 -11.86
N TYR A 283 2.21 -28.10 -12.85
CA TYR A 283 2.94 -26.84 -12.83
C TYR A 283 2.42 -25.89 -13.89
N PHE A 284 2.00 -24.68 -13.53
CA PHE A 284 1.53 -23.67 -14.47
C PHE A 284 2.38 -22.41 -14.26
N SER A 285 3.03 -21.96 -15.33
CA SER A 285 3.91 -20.81 -15.31
C SER A 285 3.24 -19.47 -15.41
N ALA A 286 3.50 -18.56 -14.45
CA ALA A 286 2.87 -17.24 -14.56
C ALA A 286 3.78 -16.39 -15.47
N THR A 287 3.20 -15.39 -16.14
CA THR A 287 4.03 -14.51 -16.98
C THR A 287 3.98 -13.07 -16.49
N LYS A 288 5.16 -12.51 -16.33
CA LYS A 288 5.31 -11.14 -15.88
C LYS A 288 5.07 -10.20 -17.07
N LEU A 289 4.09 -9.31 -16.94
CA LEU A 289 3.76 -8.37 -18.00
C LEU A 289 4.43 -7.02 -17.80
N GLU A 290 5.31 -6.63 -18.71
CA GLU A 290 6.01 -5.35 -18.62
C GLU A 290 5.03 -4.20 -18.36
N LEU B 3 -14.99 -45.87 -1.64
CA LEU B 3 -15.33 -44.45 -1.60
C LEU B 3 -14.94 -43.87 -0.24
N LYS B 5 -15.33 -42.16 3.34
CA LYS B 5 -16.40 -42.26 4.34
C LYS B 5 -16.95 -40.88 4.66
N ASN B 6 -18.24 -40.78 4.78
CA ASN B 6 -19.01 -39.58 5.04
C ASN B 6 -19.59 -39.57 6.44
N ILE B 7 -19.25 -38.53 7.22
CA ILE B 7 -19.78 -38.44 8.57
C ILE B 7 -20.58 -37.15 8.80
N LEU B 8 -21.81 -37.35 9.28
CA LEU B 8 -22.64 -36.17 9.62
C LEU B 8 -22.30 -35.95 11.09
N ALA B 9 -21.59 -34.87 11.38
CA ALA B 9 -21.12 -34.57 12.71
C ALA B 9 -21.98 -33.43 13.30
N ILE B 10 -22.74 -33.85 14.29
CA ILE B 10 -23.66 -32.93 14.98
C ILE B 10 -23.12 -32.56 16.35
N GLN B 11 -22.47 -31.40 16.40
CA GLN B 11 -21.86 -30.89 17.61
C GLN B 11 -21.58 -29.41 17.52
N SER B 12 -20.96 -28.81 18.53
CA SER B 12 -20.75 -27.39 18.61
C SER B 12 -19.80 -26.75 17.62
N HIS B 13 -20.00 -25.42 17.44
CA HIS B 13 -19.06 -24.70 16.57
C HIS B 13 -18.62 -23.42 17.27
N VAL B 14 -17.31 -23.26 17.37
CA VAL B 14 -16.78 -22.05 17.99
C VAL B 14 -16.07 -21.29 16.87
N VAL B 15 -16.23 -19.99 16.83
CA VAL B 15 -15.64 -19.20 15.71
C VAL B 15 -14.15 -19.07 15.94
N TYR B 16 -13.74 -18.60 17.11
CA TYR B 16 -12.38 -18.51 17.54
C TYR B 16 -12.02 -19.81 18.29
N GLY B 17 -10.83 -20.36 18.08
CA GLY B 17 -10.45 -21.54 18.83
C GLY B 17 -11.03 -22.85 18.39
N HIS B 18 -10.91 -23.88 19.24
CA HIS B 18 -11.31 -25.23 18.88
C HIS B 18 -12.05 -26.03 19.93
N ALA B 19 -13.26 -26.45 19.63
CA ALA B 19 -14.12 -27.27 20.46
C ALA B 19 -15.24 -27.84 19.57
N GLY B 20 -15.71 -29.05 19.88
CA GLY B 20 -16.78 -29.63 19.07
C GLY B 20 -16.32 -29.85 17.63
N ASN B 21 -17.16 -29.45 16.65
CA ASN B 21 -16.82 -29.62 15.24
C ASN B 21 -15.60 -28.76 14.88
N SER B 22 -15.42 -27.64 15.57
CA SER B 22 -14.25 -26.81 15.35
C SER B 22 -12.96 -27.51 15.78
N ALA B 23 -12.99 -28.49 16.71
CA ALA B 23 -11.74 -29.16 17.04
C ALA B 23 -11.59 -30.42 16.19
N ALA B 24 -12.71 -31.06 15.85
CA ALA B 24 -12.67 -32.29 15.13
C ALA B 24 -12.84 -32.34 13.63
N GLU B 25 -13.46 -31.37 12.98
CA GLU B 25 -13.66 -31.45 11.53
C GLU B 25 -12.37 -31.48 10.74
N PHE B 26 -11.41 -30.66 10.98
CA PHE B 26 -10.16 -30.59 10.26
C PHE B 26 -9.33 -31.87 10.42
N PRO B 27 -9.12 -32.35 11.63
CA PRO B 27 -8.39 -33.59 11.85
C PRO B 27 -9.05 -34.76 11.13
N ARG B 29 -11.02 -34.58 8.47
CA ARG B 29 -10.84 -34.38 7.04
C ARG B 29 -9.37 -34.63 6.70
N ARG B 30 -8.42 -34.28 7.57
CA ARG B 30 -7.02 -34.55 7.34
C ARG B 30 -6.72 -36.04 7.23
N LEU B 31 -7.54 -36.91 7.75
CA LEU B 31 -7.42 -38.36 7.66
C LEU B 31 -8.12 -38.92 6.42
N GLY B 32 -8.76 -38.04 5.63
CA GLY B 32 -9.39 -38.53 4.42
C GLY B 32 -10.86 -38.83 4.49
N ALA B 33 -11.58 -38.37 5.53
CA ALA B 33 -13.02 -38.65 5.50
C ALA B 33 -13.77 -37.33 5.25
N ASN B 34 -15.00 -37.45 4.75
CA ASN B 34 -15.77 -36.22 4.59
C ASN B 34 -16.52 -36.00 5.91
N VAL B 35 -16.68 -34.77 6.33
CA VAL B 35 -17.42 -34.37 7.48
C VAL B 35 -18.55 -33.38 7.07
N TRP B 36 -19.78 -33.70 7.41
CA TRP B 36 -20.92 -32.79 7.11
C TRP B 36 -21.16 -32.11 8.47
N PRO B 37 -20.66 -30.91 8.68
CA PRO B 37 -20.72 -30.28 9.97
C PRO B 37 -22.01 -29.55 10.30
N LEU B 38 -22.90 -30.28 11.00
CA LEU B 38 -24.19 -29.71 11.40
C LEU B 38 -23.96 -29.17 12.81
N ASN B 39 -23.64 -27.89 12.88
CA ASN B 39 -23.34 -27.23 14.12
C ASN B 39 -24.56 -27.02 15.01
N THR B 40 -24.41 -27.42 16.28
CA THR B 40 -25.51 -27.30 17.24
C THR B 40 -25.59 -25.92 17.84
N VAL B 41 -24.47 -25.21 17.86
CA VAL B 41 -24.36 -23.86 18.34
C VAL B 41 -23.29 -23.13 17.49
N GLN B 42 -23.41 -21.82 17.43
CA GLN B 42 -22.32 -20.98 16.93
C GLN B 42 -21.94 -19.93 17.97
N PHE B 43 -20.90 -20.32 18.70
CA PHE B 43 -20.35 -19.48 19.74
C PHE B 43 -19.08 -18.75 19.32
N SER B 44 -18.75 -17.63 19.95
CA SER B 44 -17.56 -16.86 19.69
C SER B 44 -16.29 -17.61 20.10
N ASN B 45 -16.35 -18.32 21.21
CA ASN B 45 -15.26 -19.08 21.80
C ASN B 45 -15.78 -20.16 22.73
N HIS B 46 -14.94 -21.07 23.25
CA HIS B 46 -15.49 -22.17 24.04
C HIS B 46 -15.77 -21.67 25.48
N THR B 47 -16.50 -22.47 26.23
CA THR B 47 -16.92 -22.05 27.57
C THR B 47 -15.87 -21.87 28.61
N GLN B 48 -14.69 -22.44 28.53
CA GLN B 48 -13.66 -22.33 29.54
C GLN B 48 -13.19 -20.91 29.78
N TYR B 49 -13.43 -20.02 28.81
CA TYR B 49 -13.07 -18.62 28.99
C TYR B 49 -14.03 -17.98 30.01
N GLY B 50 -15.23 -18.53 30.15
CA GLY B 50 -16.19 -18.03 31.13
C GLY B 50 -17.15 -16.99 30.59
N LYS B 51 -17.03 -16.70 29.30
CA LYS B 51 -17.86 -15.70 28.63
C LYS B 51 -17.83 -16.01 27.13
N TRP B 52 -18.99 -15.93 26.51
CA TRP B 52 -19.10 -16.23 25.10
C TRP B 52 -20.38 -15.63 24.54
N THR B 53 -20.28 -15.26 23.28
CA THR B 53 -21.45 -14.71 22.58
C THR B 53 -21.87 -15.72 21.52
N GLY B 54 -22.99 -15.44 20.85
CA GLY B 54 -23.45 -16.35 19.81
C GLY B 54 -24.76 -17.01 20.26
N VAL B 56 -27.54 -20.79 20.12
CA VAL B 56 -27.86 -22.20 20.00
C VAL B 56 -28.81 -22.39 18.83
N PRO B 58 -31.89 -23.81 16.93
CA PRO B 58 -33.11 -24.46 17.36
C PRO B 58 -33.06 -25.95 17.01
N PRO B 59 -33.66 -26.79 17.86
CA PRO B 59 -33.75 -28.21 17.60
C PRO B 59 -34.43 -28.53 16.29
N SER B 60 -35.46 -27.80 15.85
CA SER B 60 -36.10 -28.05 14.57
C SER B 60 -35.14 -27.76 13.41
N HIS B 61 -34.22 -26.82 13.56
CA HIS B 61 -33.29 -26.52 12.45
C HIS B 61 -32.46 -27.75 12.13
N LEU B 62 -32.04 -28.50 13.14
CA LEU B 62 -31.24 -29.73 12.92
C LEU B 62 -32.00 -30.68 12.03
N THR B 63 -33.27 -30.89 12.38
CA THR B 63 -34.19 -31.73 11.63
C THR B 63 -34.40 -31.17 10.23
N GLU B 64 -34.57 -29.88 10.05
CA GLU B 64 -34.73 -29.27 8.74
C GLU B 64 -33.52 -29.45 7.82
N ILE B 65 -32.33 -29.30 8.38
CA ILE B 65 -31.10 -29.49 7.62
C ILE B 65 -31.08 -30.89 7.01
N VAL B 66 -31.34 -31.91 7.83
CA VAL B 66 -31.31 -33.29 7.36
C VAL B 66 -32.34 -33.54 6.28
N GLN B 67 -33.51 -32.91 6.37
CA GLN B 67 -34.55 -33.04 5.33
C GLN B 67 -34.02 -32.48 4.02
N GLY B 68 -33.24 -31.37 4.12
CA GLY B 68 -32.67 -30.80 2.89
C GLY B 68 -31.68 -31.76 2.25
N ILE B 69 -30.86 -32.46 3.05
CA ILE B 69 -29.91 -33.41 2.47
C ILE B 69 -30.71 -34.60 1.93
N ALA B 70 -31.82 -34.93 2.59
CA ALA B 70 -32.65 -36.05 2.05
C ALA B 70 -33.28 -35.59 0.74
N ALA B 71 -33.61 -34.29 0.65
CA ALA B 71 -34.18 -33.72 -0.56
C ALA B 71 -33.27 -33.77 -1.77
N ILE B 72 -31.93 -33.71 -1.61
CA ILE B 72 -31.05 -33.81 -2.77
C ILE B 72 -30.58 -35.25 -2.97
N ASP B 73 -31.19 -36.19 -2.25
CA ASP B 73 -30.92 -37.62 -2.33
C ASP B 73 -29.48 -37.97 -2.05
N LYS B 74 -28.93 -37.40 -0.96
CA LYS B 74 -27.53 -37.68 -0.64
C LYS B 74 -27.43 -38.29 0.74
N LEU B 75 -28.57 -38.40 1.42
CA LEU B 75 -28.60 -38.94 2.77
C LEU B 75 -28.17 -40.39 2.83
N HIS B 76 -28.41 -41.17 1.79
CA HIS B 76 -28.00 -42.57 1.70
C HIS B 76 -26.49 -42.75 1.64
N THR B 77 -25.73 -41.70 1.37
CA THR B 77 -24.28 -41.78 1.32
C THR B 77 -23.67 -41.54 2.69
N CYS B 78 -24.48 -41.20 3.69
CA CYS B 78 -23.95 -40.97 5.02
C CYS B 78 -23.55 -42.33 5.62
N ASP B 79 -22.32 -42.40 6.12
CA ASP B 79 -21.86 -43.65 6.73
C ASP B 79 -22.02 -43.62 8.24
N ALA B 80 -22.11 -42.42 8.81
CA ALA B 80 -22.32 -42.39 10.25
C ALA B 80 -22.72 -41.03 10.73
N VAL B 81 -23.47 -41.08 11.82
CA VAL B 81 -23.85 -39.87 12.52
C VAL B 81 -23.11 -39.82 13.84
N LEU B 82 -22.39 -38.72 14.04
CA LEU B 82 -21.69 -38.48 15.29
C LEU B 82 -22.40 -37.30 15.99
N SER B 83 -22.66 -37.48 17.27
CA SER B 83 -23.26 -36.42 18.07
C SER B 83 -22.25 -36.15 19.19
N GLY B 84 -22.05 -34.87 19.50
CA GLY B 84 -21.16 -34.42 20.55
C GLY B 84 -21.86 -33.42 21.47
N TYR B 85 -21.22 -32.28 21.73
CA TYR B 85 -21.79 -31.24 22.58
C TYR B 85 -23.16 -30.79 22.05
N LEU B 86 -24.16 -30.86 22.93
CA LEU B 86 -25.53 -30.45 22.58
C LEU B 86 -25.90 -29.14 23.26
N GLY B 87 -26.53 -28.25 22.52
CA GLY B 87 -26.93 -26.96 23.08
C GLY B 87 -28.12 -27.07 24.02
N SER B 88 -28.89 -28.14 23.92
CA SER B 88 -30.05 -28.35 24.77
C SER B 88 -30.52 -29.80 24.65
N ALA B 89 -31.23 -30.34 25.62
CA ALA B 89 -31.71 -31.72 25.56
C ALA B 89 -32.70 -31.96 24.44
N GLU B 90 -33.47 -30.95 24.04
CA GLU B 90 -34.43 -31.10 22.96
C GLU B 90 -33.72 -31.38 21.65
N GLN B 91 -32.50 -30.81 21.51
CA GLN B 91 -31.74 -31.09 20.30
C GLN B 91 -31.50 -32.61 20.24
N GLY B 92 -31.27 -33.23 21.41
CA GLY B 92 -31.05 -34.66 21.46
C GLY B 92 -32.16 -35.44 20.79
N GLU B 93 -33.43 -35.17 21.17
CA GLU B 93 -34.49 -35.97 20.55
C GLU B 93 -34.57 -35.81 19.06
N HIS B 94 -34.31 -34.60 18.54
CA HIS B 94 -34.33 -34.44 17.10
C HIS B 94 -33.15 -35.22 16.50
N ILE B 95 -32.04 -35.29 17.24
CA ILE B 95 -30.86 -36.04 16.77
C ILE B 95 -31.18 -37.52 16.62
N LEU B 96 -31.97 -38.06 17.55
CA LEU B 96 -32.38 -39.44 17.45
C LEU B 96 -33.31 -39.64 16.26
N GLY B 97 -34.04 -38.60 15.91
CA GLY B 97 -34.94 -38.62 14.74
C GLY B 97 -34.02 -38.64 13.50
N ILE B 98 -32.94 -37.87 13.55
CA ILE B 98 -31.99 -37.83 12.44
C ILE B 98 -31.32 -39.20 12.27
N VAL B 99 -30.89 -39.82 13.38
CA VAL B 99 -30.25 -41.14 13.31
C VAL B 99 -31.20 -42.14 12.65
N ARG B 100 -32.49 -42.11 13.03
CA ARG B 100 -33.48 -42.98 12.41
C ARG B 100 -33.61 -42.73 10.93
N GLN B 101 -33.71 -41.46 10.48
CA GLN B 101 -33.80 -41.19 9.04
C GLN B 101 -32.56 -41.59 8.29
N VAL B 102 -31.36 -41.32 8.83
CA VAL B 102 -30.14 -41.73 8.10
C VAL B 102 -30.09 -43.25 7.97
N LYS B 103 -30.39 -43.98 9.04
CA LYS B 103 -30.35 -45.45 8.94
C LYS B 103 -31.41 -45.98 8.01
N ALA B 104 -32.55 -45.31 7.89
CA ALA B 104 -33.58 -45.75 6.95
C ALA B 104 -33.09 -45.54 5.54
N ALA B 105 -32.18 -44.62 5.28
CA ALA B 105 -31.59 -44.36 3.98
C ALA B 105 -30.38 -45.29 3.77
N ASN B 106 -29.63 -45.50 4.85
CA ASN B 106 -28.45 -46.38 4.80
C ASN B 106 -28.37 -47.21 6.08
N PRO B 107 -28.97 -48.40 6.10
CA PRO B 107 -29.01 -49.27 7.26
C PRO B 107 -27.63 -49.60 7.82
N GLN B 108 -26.59 -49.53 7.00
CA GLN B 108 -25.24 -49.75 7.44
C GLN B 108 -24.69 -48.58 8.24
N ALA B 109 -25.37 -47.43 8.27
CA ALA B 109 -24.87 -46.27 9.01
C ALA B 109 -24.86 -46.52 10.52
N LYS B 110 -23.86 -46.01 11.21
CA LYS B 110 -23.76 -46.16 12.65
C LYS B 110 -24.01 -44.83 13.36
N TYR B 111 -24.50 -44.90 14.57
CA TYR B 111 -24.64 -43.69 15.38
C TYR B 111 -23.50 -43.72 16.42
N PHE B 112 -22.64 -42.72 16.37
CA PHE B 112 -21.54 -42.59 17.32
C PHE B 112 -21.93 -41.46 18.29
N CYS B 113 -22.20 -41.81 19.52
CA CYS B 113 -22.59 -40.88 20.55
C CYS B 113 -21.44 -40.51 21.50
N ASP B 114 -21.00 -39.25 21.41
CA ASP B 114 -20.00 -38.78 22.37
C ASP B 114 -20.91 -38.07 23.39
N PRO B 115 -21.16 -38.66 24.55
CA PRO B 115 -22.11 -38.14 25.52
C PRO B 115 -21.59 -37.03 26.39
N VAL B 116 -21.25 -35.93 25.72
CA VAL B 116 -20.66 -34.77 26.31
C VAL B 116 -21.56 -34.20 27.40
N GLY B 118 -21.69 -31.78 31.25
CA GLY B 118 -21.00 -30.67 31.88
C GLY B 118 -19.90 -31.19 32.80
N HIS B 119 -18.76 -30.55 32.73
CA HIS B 119 -17.58 -30.71 33.56
C HIS B 119 -17.12 -29.27 33.86
N PRO B 120 -17.99 -28.50 34.53
CA PRO B 120 -17.74 -27.10 34.81
C PRO B 120 -16.45 -26.79 35.54
N GLU B 121 -15.99 -27.68 36.41
CA GLU B 121 -14.74 -27.47 37.11
C GLU B 121 -13.59 -27.36 36.09
N LYS B 122 -13.70 -28.11 35.00
CA LYS B 122 -12.68 -28.08 33.96
C LYS B 122 -12.94 -27.04 32.88
N GLY B 123 -13.99 -26.23 32.96
CA GLY B 123 -14.30 -25.22 32.01
C GLY B 123 -15.33 -25.61 30.94
N CYS B 124 -15.94 -26.78 31.04
CA CYS B 124 -16.93 -27.25 30.07
C CYS B 124 -18.36 -27.02 30.53
N ILE B 125 -19.10 -26.10 29.93
CA ILE B 125 -20.47 -25.82 30.35
C ILE B 125 -21.52 -26.32 29.38
N VAL B 126 -22.35 -27.25 29.84
CA VAL B 126 -23.41 -27.91 29.09
C VAL B 126 -24.74 -27.60 29.78
N ALA B 127 -25.79 -27.39 29.01
CA ALA B 127 -27.10 -27.06 29.58
C ALA B 127 -27.69 -28.18 30.42
N PRO B 128 -28.47 -27.83 31.45
CA PRO B 128 -29.13 -28.86 32.27
C PRO B 128 -30.06 -29.68 31.40
N GLY B 129 -30.23 -30.98 31.62
CA GLY B 129 -31.12 -31.76 30.75
C GLY B 129 -30.38 -32.65 29.76
N VAL B 130 -29.26 -32.14 29.20
CA VAL B 130 -28.51 -32.92 28.22
C VAL B 130 -28.02 -34.22 28.80
N ALA B 131 -27.39 -34.17 29.99
CA ALA B 131 -26.89 -35.40 30.60
C ALA B 131 -27.95 -36.49 30.72
N GLU B 132 -29.16 -36.12 31.10
CA GLU B 132 -30.32 -36.97 31.29
C GLU B 132 -30.73 -37.61 29.98
N PHE B 133 -30.66 -36.83 28.91
CA PHE B 133 -30.95 -37.32 27.56
C PHE B 133 -29.97 -38.43 27.20
N HIS B 134 -28.68 -38.26 27.46
CA HIS B 134 -27.68 -39.29 27.11
C HIS B 134 -27.91 -40.60 27.86
N VAL B 135 -28.21 -40.50 29.16
CA VAL B 135 -28.44 -41.71 29.96
C VAL B 135 -29.67 -42.46 29.51
N ARG B 136 -30.77 -41.76 29.42
CA ARG B 136 -32.07 -42.29 29.10
C ARG B 136 -32.26 -42.68 27.65
N HIS B 137 -31.85 -41.78 26.72
CA HIS B 137 -32.07 -42.03 25.31
C HIS B 137 -30.86 -42.15 24.41
N GLY B 138 -29.83 -41.36 24.62
CA GLY B 138 -28.61 -41.41 23.80
C GLY B 138 -27.95 -42.77 23.90
N LEU B 139 -27.73 -43.24 25.12
CA LEU B 139 -27.11 -44.55 25.35
C LEU B 139 -27.73 -45.67 24.55
N PRO B 140 -29.02 -45.97 24.76
CA PRO B 140 -29.70 -47.04 24.05
C PRO B 140 -29.73 -46.96 22.54
N ALA B 141 -29.79 -45.81 21.88
CA ALA B 141 -29.77 -45.70 20.45
C ALA B 141 -28.37 -45.81 19.84
N SER B 142 -27.32 -45.59 20.59
CA SER B 142 -25.97 -45.61 20.08
C SER B 142 -25.43 -46.97 19.67
N ASP B 143 -24.46 -46.91 18.73
CA ASP B 143 -23.77 -48.10 18.26
C ASP B 143 -22.36 -48.13 18.87
N ILE B 144 -21.82 -46.91 19.03
CA ILE B 144 -20.53 -46.62 19.59
C ILE B 144 -20.76 -45.50 20.62
N ILE B 145 -20.22 -45.63 21.82
CA ILE B 145 -20.41 -44.56 22.81
C ILE B 145 -19.08 -44.25 23.45
N ALA B 146 -18.70 -43.00 23.55
CA ALA B 146 -17.42 -42.58 24.09
C ALA B 146 -17.36 -41.70 25.31
N PRO B 147 -17.79 -42.17 26.47
CA PRO B 147 -17.74 -41.36 27.67
C PRO B 147 -16.37 -41.25 28.31
N ASN B 148 -16.12 -40.09 28.92
CA ASN B 148 -14.89 -39.92 29.72
C ASN B 148 -15.22 -40.65 31.07
N LEU B 149 -14.35 -40.68 32.06
CA LEU B 149 -14.63 -41.38 33.32
C LEU B 149 -15.94 -40.94 33.97
N VAL B 150 -16.02 -39.65 34.23
CA VAL B 150 -17.23 -39.08 34.84
C VAL B 150 -18.45 -39.48 34.06
N GLU B 151 -18.49 -39.20 32.75
CA GLU B 151 -19.63 -39.56 31.95
C GLU B 151 -19.94 -41.04 32.05
N LEU B 152 -18.95 -41.91 32.10
CA LEU B 152 -19.12 -43.35 32.22
C LEU B 152 -19.86 -43.68 33.53
N GLU B 153 -19.41 -43.03 34.62
CA GLU B 153 -20.06 -43.26 35.92
C GLU B 153 -21.52 -42.84 35.87
N ILE B 154 -21.77 -41.68 35.25
CA ILE B 154 -23.16 -41.23 35.14
C ILE B 154 -23.99 -42.18 34.31
N LEU B 155 -23.45 -42.65 33.19
CA LEU B 155 -24.17 -43.54 32.30
C LEU B 155 -24.46 -44.92 32.90
N CYS B 156 -23.52 -45.41 33.73
CA CYS B 156 -23.71 -46.72 34.31
C CYS B 156 -24.39 -46.63 35.68
N GLU B 157 -24.51 -45.42 36.19
CA GLU B 157 -25.11 -45.11 37.46
C GLU B 157 -24.38 -45.65 38.67
N HIS B 158 -23.05 -45.66 38.65
CA HIS B 158 -22.30 -46.16 39.80
C HIS B 158 -20.85 -45.75 39.64
N ALA B 159 -20.12 -45.77 40.75
CA ALA B 159 -18.72 -45.38 40.71
C ALA B 159 -17.85 -46.33 39.90
N VAL B 160 -16.78 -45.79 39.36
CA VAL B 160 -15.81 -46.60 38.57
C VAL B 160 -14.46 -46.16 39.12
N ASN B 161 -13.68 -47.05 39.72
CA ASN B 161 -12.44 -46.68 40.34
C ASN B 161 -11.16 -47.29 39.78
N ASN B 162 -11.26 -48.30 38.92
CA ASN B 162 -10.04 -48.88 38.37
C ASN B 162 -10.31 -49.43 36.98
N VAL B 163 -9.27 -49.89 36.30
CA VAL B 163 -9.38 -50.42 34.96
C VAL B 163 -10.30 -51.60 34.87
N GLU B 164 -10.26 -52.58 35.78
CA GLU B 164 -11.20 -53.70 35.68
C GLU B 164 -12.63 -53.22 35.82
N GLU B 165 -12.92 -52.30 36.72
CA GLU B 165 -14.26 -51.75 36.90
C GLU B 165 -14.70 -50.96 35.66
N ALA B 166 -13.77 -50.22 35.05
CA ALA B 166 -14.12 -49.45 33.83
C ALA B 166 -14.55 -50.39 32.74
N VAL B 167 -13.88 -51.55 32.58
CA VAL B 167 -14.35 -52.49 31.55
C VAL B 167 -15.68 -53.10 31.88
N LEU B 168 -15.96 -53.39 33.15
CA LEU B 168 -17.24 -53.97 33.52
C LEU B 168 -18.32 -52.91 33.30
N ALA B 169 -18.02 -51.65 33.67
CA ALA B 169 -19.02 -50.59 33.46
C ALA B 169 -19.33 -50.46 31.97
N ALA B 170 -18.23 -50.53 31.17
CA ALA B 170 -18.38 -50.45 29.72
C ALA B 170 -19.25 -51.58 29.18
N ARG B 171 -19.14 -52.79 29.74
CA ARG B 171 -19.96 -53.90 29.26
C ARG B 171 -21.40 -53.78 29.69
N GLU B 172 -21.60 -53.08 30.80
CA GLU B 172 -22.97 -52.82 31.27
C GLU B 172 -23.62 -51.90 30.23
N LEU B 173 -22.80 -50.93 29.74
CA LEU B 173 -23.33 -50.02 28.72
C LEU B 173 -23.64 -50.78 27.42
N ILE B 174 -22.74 -51.65 27.03
CA ILE B 174 -22.88 -52.47 25.81
C ILE B 174 -24.17 -53.25 25.81
N ALA B 175 -24.54 -53.77 26.99
CA ALA B 175 -25.77 -54.50 27.19
C ALA B 175 -27.01 -53.66 26.94
N GLN B 176 -26.94 -52.32 27.02
CA GLN B 176 -28.06 -51.45 26.76
C GLN B 176 -28.20 -51.10 25.28
N GLY B 177 -27.17 -51.41 24.48
CA GLY B 177 -27.26 -51.07 23.07
C GLY B 177 -26.01 -50.94 22.26
N PRO B 178 -25.06 -50.08 22.60
CA PRO B 178 -23.86 -49.88 21.79
C PRO B 178 -23.02 -51.13 21.65
N GLN B 179 -22.26 -51.31 20.56
CA GLN B 179 -21.44 -52.54 20.51
C GLN B 179 -20.00 -52.22 20.85
N ILE B 180 -19.69 -50.93 20.82
CA ILE B 180 -18.34 -50.46 21.07
C ILE B 180 -18.36 -49.32 22.08
N VAL B 181 -17.55 -49.42 23.13
CA VAL B 181 -17.44 -48.37 24.12
C VAL B 181 -16.00 -47.84 24.17
N LEU B 182 -15.82 -46.54 23.97
CA LEU B 182 -14.49 -45.98 24.11
C LEU B 182 -14.50 -45.17 25.42
N VAL B 183 -13.70 -45.58 26.39
CA VAL B 183 -13.62 -44.79 27.64
C VAL B 183 -12.51 -43.77 27.28
N LYS B 184 -12.99 -42.57 26.97
CA LYS B 184 -12.10 -41.55 26.38
C LYS B 184 -11.02 -40.99 27.21
N HIS B 185 -11.09 -41.10 28.53
CA HIS B 185 -10.10 -40.65 29.47
C HIS B 185 -10.36 -41.41 30.80
N LEU B 186 -9.46 -42.28 31.19
CA LEU B 186 -9.57 -43.04 32.41
C LEU B 186 -9.31 -42.21 33.66
N ALA B 187 -8.48 -41.20 33.59
CA ALA B 187 -8.16 -40.33 34.71
C ALA B 187 -7.91 -41.17 35.97
N ARG B 188 -8.68 -40.89 37.00
CA ARG B 188 -8.60 -41.56 38.30
C ARG B 188 -8.67 -43.06 38.25
N ALA B 189 -9.44 -43.61 37.33
CA ALA B 189 -9.58 -45.06 37.27
C ALA B 189 -8.50 -45.74 36.47
N GLY B 190 -7.47 -45.06 36.00
CA GLY B 190 -6.43 -45.75 35.21
C GLY B 190 -5.36 -46.30 36.15
N TYR B 191 -4.35 -46.89 35.59
CA TYR B 191 -3.22 -47.44 36.32
C TYR B 191 -2.35 -46.35 36.93
N SER B 192 -2.23 -45.25 36.18
CA SER B 192 -1.42 -44.14 36.64
C SER B 192 -2.05 -42.78 36.38
N ARG B 193 -1.89 -41.89 37.38
CA ARG B 193 -2.40 -40.53 37.27
C ARG B 193 -1.38 -39.62 36.58
N ASP B 194 -0.22 -40.17 36.24
CA ASP B 194 0.84 -39.44 35.55
C ASP B 194 0.80 -39.77 34.06
N ARG B 195 -0.25 -40.47 33.60
CA ARG B 195 -0.36 -40.80 32.19
C ARG B 195 -1.80 -40.53 31.70
N PHE B 196 -1.92 -40.34 30.39
CA PHE B 196 -3.21 -40.14 29.74
C PHE B 196 -3.62 -41.53 29.24
N GLU B 197 -4.63 -42.13 29.83
CA GLU B 197 -5.06 -43.48 29.48
C GLU B 197 -6.47 -43.57 28.95
N LEU B 199 -9.51 -46.68 27.22
CA LEU B 199 -9.93 -48.04 27.03
C LEU B 199 -10.87 -48.18 25.82
N LEU B 200 -10.73 -49.25 25.06
CA LEU B 200 -11.60 -49.52 23.90
C LEU B 200 -12.15 -50.94 24.10
N VAL B 201 -13.44 -50.96 24.43
CA VAL B 201 -14.12 -52.17 24.80
C VAL B 201 -15.35 -52.55 23.99
N THR B 202 -15.46 -53.84 23.70
CA THR B 202 -16.54 -54.50 23.04
C THR B 202 -16.96 -55.68 23.98
N ALA B 203 -17.91 -56.49 23.59
CA ALA B 203 -18.33 -57.62 24.41
C ALA B 203 -17.29 -58.73 24.47
N ASP B 204 -16.43 -58.84 23.49
CA ASP B 204 -15.43 -59.90 23.46
C ASP B 204 -14.01 -59.47 23.72
N GLU B 205 -13.72 -58.19 23.52
CA GLU B 205 -12.36 -57.68 23.66
C GLU B 205 -12.25 -56.43 24.51
N ALA B 206 -11.04 -56.19 25.02
CA ALA B 206 -10.76 -55.03 25.82
C ALA B 206 -9.29 -54.64 25.57
N TRP B 207 -9.14 -53.42 25.12
CA TRP B 207 -7.84 -52.83 24.80
C TRP B 207 -7.58 -51.57 25.62
N HIS B 208 -6.43 -51.50 26.26
CA HIS B 208 -6.01 -50.39 27.09
C HIS B 208 -4.89 -49.62 26.39
N ILE B 209 -4.74 -48.32 26.62
CA ILE B 209 -3.66 -47.61 25.98
C ILE B 209 -3.19 -46.49 26.88
N SER B 210 -1.90 -46.22 26.80
CA SER B 210 -1.33 -45.16 27.63
C SER B 210 -0.30 -44.33 26.91
N ARG B 211 -0.24 -43.04 27.23
CA ARG B 211 0.72 -42.12 26.63
C ARG B 211 1.01 -41.03 27.65
N PRO B 212 2.15 -40.35 27.51
CA PRO B 212 2.52 -39.33 28.44
C PRO B 212 1.59 -38.13 28.46
N LEU B 213 1.66 -37.46 29.60
CA LEU B 213 0.87 -36.26 29.83
C LEU B 213 1.65 -35.05 29.34
N VAL B 214 0.91 -34.03 28.97
CA VAL B 214 1.48 -32.77 28.56
C VAL B 214 0.92 -31.75 29.56
N ASP B 215 1.81 -31.13 30.30
CA ASP B 215 1.43 -30.17 31.33
C ASP B 215 0.96 -28.84 30.80
N PHE B 216 -0.22 -28.41 31.17
CA PHE B 216 -0.73 -27.09 30.76
C PHE B 216 -1.09 -26.30 32.02
N GLY B 217 -0.16 -26.35 32.98
CA GLY B 217 -0.35 -25.65 34.26
C GLY B 217 -1.59 -26.20 34.96
N ARG B 219 -4.56 -25.23 33.63
CA ARG B 219 -5.56 -25.01 32.58
C ARG B 219 -5.75 -26.30 31.77
N GLN B 220 -6.89 -26.95 31.99
CA GLN B 220 -7.18 -28.18 31.26
C GLN B 220 -7.50 -27.87 29.81
N PRO B 221 -6.91 -28.61 28.88
CA PRO B 221 -7.15 -28.45 27.46
C PRO B 221 -8.61 -28.66 27.11
N VAL B 222 -9.16 -28.00 26.12
CA VAL B 222 -10.57 -28.21 25.74
C VAL B 222 -10.62 -28.76 24.31
N GLY B 223 -11.50 -29.68 24.02
CA GLY B 223 -11.70 -30.31 22.74
C GLY B 223 -10.91 -31.57 22.50
N VAL B 224 -10.21 -32.08 23.53
CA VAL B 224 -9.40 -33.28 23.36
C VAL B 224 -10.30 -34.47 23.06
N GLY B 225 -11.42 -34.54 23.83
CA GLY B 225 -12.33 -35.67 23.55
C GLY B 225 -12.98 -35.54 22.17
N ASP B 226 -13.23 -34.32 21.68
CA ASP B 226 -13.90 -34.13 20.39
C ASP B 226 -13.02 -34.66 19.26
N VAL B 227 -11.73 -34.36 19.32
CA VAL B 227 -10.78 -34.84 18.33
C VAL B 227 -10.70 -36.37 18.42
N THR B 228 -10.51 -36.86 19.63
CA THR B 228 -10.40 -38.28 19.92
C THR B 228 -11.60 -39.03 19.38
N SER B 229 -12.83 -38.57 19.69
CA SER B 229 -14.00 -39.32 19.20
C SER B 229 -14.07 -39.34 17.68
N GLY B 230 -13.92 -38.14 17.09
CA GLY B 230 -14.03 -38.00 15.64
C GLY B 230 -12.98 -38.85 14.89
N LEU B 231 -11.74 -38.88 15.35
CA LEU B 231 -10.71 -39.69 14.71
C LEU B 231 -11.00 -41.17 14.87
N LEU B 232 -11.47 -41.61 16.02
CA LEU B 232 -11.81 -43.00 16.25
C LEU B 232 -12.88 -43.46 15.27
N LEU B 233 -13.93 -42.64 15.14
CA LEU B 233 -14.99 -42.98 14.17
C LEU B 233 -14.42 -43.08 12.75
N VAL B 234 -13.62 -42.14 12.27
CA VAL B 234 -13.02 -42.24 10.94
C VAL B 234 -12.21 -43.54 10.81
N LYS B 235 -11.39 -43.83 11.82
CA LYS B 235 -10.52 -45.01 11.78
C LYS B 235 -11.37 -46.26 11.65
N LEU B 236 -12.44 -46.37 12.41
CA LEU B 236 -13.31 -47.53 12.37
C LEU B 236 -14.04 -47.64 11.04
N LEU B 237 -14.54 -46.53 10.49
CA LEU B 237 -15.21 -46.57 9.21
C LEU B 237 -14.26 -46.95 8.08
N GLN B 238 -12.99 -46.53 8.15
CA GLN B 238 -12.01 -46.87 7.15
C GLN B 238 -11.51 -48.31 7.26
N GLY B 239 -12.05 -49.12 8.15
CA GLY B 239 -11.67 -50.52 8.24
C GLY B 239 -10.63 -50.93 9.23
N ALA B 240 -10.16 -50.01 10.08
CA ALA B 240 -9.16 -50.34 11.07
C ALA B 240 -9.65 -51.29 12.14
N THR B 241 -8.71 -52.13 12.63
CA THR B 241 -9.12 -53.01 13.72
C THR B 241 -9.26 -52.12 14.97
N LEU B 242 -9.77 -52.65 16.07
CA LEU B 242 -9.93 -51.88 17.29
C LEU B 242 -8.59 -51.35 17.80
N GLN B 243 -7.53 -52.17 17.76
CA GLN B 243 -6.24 -51.71 18.23
C GLN B 243 -5.60 -50.71 17.31
N GLU B 244 -5.63 -50.86 15.98
CA GLU B 244 -5.01 -49.85 15.12
C GLU B 244 -5.79 -48.54 15.19
N ALA B 245 -7.08 -48.57 15.46
CA ALA B 245 -7.87 -47.34 15.58
C ALA B 245 -7.47 -46.62 16.88
N LEU B 246 -7.43 -47.39 17.97
CA LEU B 246 -7.03 -46.87 19.27
C LEU B 246 -5.64 -46.26 19.18
N GLU B 247 -4.71 -47.06 18.62
CA GLU B 247 -3.34 -46.58 18.47
C GLU B 247 -3.20 -45.34 17.62
N HIS B 248 -3.81 -45.28 16.43
CA HIS B 248 -3.63 -44.03 15.64
C HIS B 248 -4.22 -42.82 16.35
N VAL B 249 -5.41 -42.94 16.94
CA VAL B 249 -6.01 -41.80 17.64
C VAL B 249 -5.17 -41.30 18.80
N THR B 250 -4.68 -42.24 19.59
CA THR B 250 -3.88 -41.90 20.79
C THR B 250 -2.65 -41.11 20.40
N ALA B 251 -1.93 -41.57 19.36
CA ALA B 251 -0.73 -40.94 18.88
C ALA B 251 -1.01 -39.60 18.20
N ALA B 252 -2.07 -39.56 17.36
CA ALA B 252 -2.42 -38.32 16.70
C ALA B 252 -2.70 -37.21 17.73
N VAL B 253 -3.48 -37.55 18.74
CA VAL B 253 -3.84 -36.59 19.79
C VAL B 253 -2.61 -36.18 20.59
N TYR B 254 -1.72 -37.12 20.89
CA TYR B 254 -0.49 -36.75 21.60
C TYR B 254 0.29 -35.74 20.77
N GLU B 255 0.33 -35.97 19.44
CA GLU B 255 1.05 -35.07 18.57
C GLU B 255 0.45 -33.67 18.67
N ILE B 256 -0.86 -33.54 18.67
CA ILE B 256 -1.52 -32.23 18.80
C ILE B 256 -1.14 -31.57 20.12
N VAL B 258 1.57 -32.05 22.10
CA VAL B 258 2.94 -31.53 22.16
C VAL B 258 3.12 -30.29 21.30
N THR B 259 2.48 -30.23 20.13
CA THR B 259 2.57 -29.04 19.27
C THR B 259 1.91 -27.84 19.95
N THR B 260 0.79 -28.13 20.61
CA THR B 260 0.06 -27.09 21.33
C THR B 260 0.98 -26.52 22.41
N LYS B 261 1.62 -27.42 23.19
CA LYS B 261 2.55 -26.95 24.22
C LYS B 261 3.76 -26.26 23.61
N ALA B 262 4.32 -26.84 22.53
CA ALA B 262 5.49 -26.26 21.89
C ALA B 262 5.25 -24.81 21.50
N GLN B 264 3.18 -22.67 22.99
CA GLN B 264 2.73 -21.81 24.08
C GLN B 264 1.28 -21.36 23.88
N GLU B 265 0.44 -22.28 23.44
CA GLU B 265 -0.96 -22.09 23.20
C GLU B 265 -1.72 -23.10 24.08
N TYR B 266 -2.97 -22.80 24.38
CA TYR B 266 -3.80 -23.74 25.15
C TYR B 266 -4.85 -24.27 24.15
N GLU B 267 -5.24 -23.39 23.22
CA GLU B 267 -6.20 -23.89 22.21
C GLU B 267 -5.45 -24.95 21.39
N LEU B 268 -6.05 -26.07 21.13
CA LEU B 268 -5.53 -27.18 20.37
C LEU B 268 -5.03 -26.79 18.99
N GLN B 269 -3.73 -26.97 18.75
CA GLN B 269 -3.12 -26.61 17.46
C GLN B 269 -3.24 -27.71 16.43
N VAL B 270 -4.50 -27.95 16.01
CA VAL B 270 -4.80 -29.00 15.04
C VAL B 270 -4.24 -28.68 13.68
N VAL B 271 -4.22 -27.39 13.29
CA VAL B 271 -3.67 -26.98 12.01
C VAL B 271 -2.16 -27.14 12.06
N ALA B 272 -1.45 -26.51 13.01
CA ALA B 272 0.00 -26.66 13.06
C ALA B 272 0.41 -28.13 13.15
N ALA B 273 -0.35 -29.00 13.83
CA ALA B 273 0.14 -30.40 13.87
C ALA B 273 -0.41 -31.32 12.80
N GLN B 274 -1.08 -30.81 11.77
CA GLN B 274 -1.75 -31.65 10.80
C GLN B 274 -0.98 -32.81 10.23
N ASP B 275 0.30 -32.63 9.85
CA ASP B 275 1.05 -33.73 9.28
C ASP B 275 1.21 -34.88 10.25
N ARG B 276 1.29 -34.61 11.54
CA ARG B 276 1.44 -35.62 12.56
C ARG B 276 0.16 -36.23 13.05
N ILE B 277 -0.97 -35.72 12.54
CA ILE B 277 -2.29 -36.32 12.80
C ILE B 277 -2.40 -37.48 11.81
N ALA B 278 -2.06 -37.13 10.56
CA ALA B 278 -2.10 -38.15 9.50
C ALA B 278 -1.03 -39.20 9.76
N LYS B 279 0.18 -38.76 10.05
CA LYS B 279 1.30 -39.68 10.29
C LYS B 279 2.06 -39.30 11.56
N PRO B 280 1.62 -39.75 12.72
CA PRO B 280 2.26 -39.41 13.97
C PRO B 280 3.69 -39.92 14.03
N GLU B 281 4.57 -39.26 14.76
CA GLU B 281 5.94 -39.80 14.85
C GLU B 281 6.00 -40.82 15.99
N HIS B 282 5.21 -40.56 17.01
CA HIS B 282 5.14 -41.37 18.19
C HIS B 282 4.23 -42.57 18.03
N TYR B 283 4.59 -43.62 18.76
CA TYR B 283 3.79 -44.84 18.71
C TYR B 283 3.60 -45.37 20.12
N PHE B 284 2.34 -45.68 20.44
CA PHE B 284 1.95 -46.21 21.73
C PHE B 284 1.16 -47.46 21.41
N SER B 285 1.70 -48.64 21.77
CA SER B 285 0.95 -49.84 21.45
C SER B 285 -0.19 -50.05 22.44
N ALA B 286 -1.33 -50.52 21.94
CA ALA B 286 -2.47 -50.84 22.80
C ALA B 286 -2.16 -52.21 23.44
N THR B 287 -2.71 -52.45 24.61
CA THR B 287 -2.54 -53.71 25.32
C THR B 287 -3.87 -54.41 25.47
N LYS B 288 -3.91 -55.66 25.04
CA LYS B 288 -5.11 -56.47 25.13
C LYS B 288 -5.31 -56.95 26.55
N LEU B 289 -6.51 -56.80 27.11
CA LEU B 289 -6.77 -57.22 28.48
C LEU B 289 -7.71 -58.41 28.59
N GLU B 290 -7.57 -59.14 29.71
CA GLU B 290 -8.47 -60.24 30.00
C GLU B 290 -8.35 -60.67 31.47
N LEU C 3 34.05 26.33 -0.23
CA LEU C 3 33.02 26.81 -1.14
C LEU C 3 31.61 26.54 -0.62
N LYS C 5 27.91 24.67 -0.58
CA LYS C 5 27.57 23.24 -0.63
C LYS C 5 26.63 23.03 -1.82
N ASN C 6 26.90 21.93 -2.54
CA ASN C 6 26.13 21.59 -3.72
C ASN C 6 25.28 20.35 -3.53
N ILE C 7 23.96 20.46 -3.73
CA ILE C 7 23.07 19.31 -3.57
C ILE C 7 22.36 18.87 -4.83
N LEU C 8 22.54 17.60 -5.20
CA LEU C 8 21.85 17.05 -6.38
C LEU C 8 20.53 16.49 -5.85
N ALA C 9 19.46 17.22 -6.13
CA ALA C 9 18.13 16.88 -5.65
C ALA C 9 17.29 16.24 -6.74
N ILE C 10 16.97 14.96 -6.49
CA ILE C 10 16.24 14.14 -7.45
C ILE C 10 14.84 13.88 -6.94
N GLN C 11 13.91 14.75 -7.32
CA GLN C 11 12.53 14.72 -6.86
C GLN C 11 11.64 15.31 -7.95
N SER C 12 10.35 15.31 -7.68
CA SER C 12 9.39 15.80 -8.66
C SER C 12 9.49 17.31 -8.89
N HIS C 13 8.90 17.71 -10.00
CA HIS C 13 8.84 19.14 -10.33
C HIS C 13 7.42 19.43 -10.80
N VAL C 14 6.79 20.38 -10.13
CA VAL C 14 5.44 20.83 -10.50
C VAL C 14 5.64 22.28 -10.99
N VAL C 15 5.05 22.63 -12.10
CA VAL C 15 5.19 23.97 -12.70
C VAL C 15 4.42 24.99 -11.90
N TYR C 16 3.16 24.66 -11.61
CA TYR C 16 2.33 25.48 -10.76
C TYR C 16 2.46 24.92 -9.32
N GLY C 17 2.61 25.81 -8.34
CA GLY C 17 2.66 25.36 -6.97
C GLY C 17 3.97 24.80 -6.48
N HIS C 18 3.94 24.18 -5.29
CA HIS C 18 5.12 23.66 -4.61
C HIS C 18 4.96 22.25 -4.08
N ALA C 19 5.91 21.38 -4.38
CA ALA C 19 6.00 20.00 -3.97
C ALA C 19 7.35 19.41 -4.50
N GLY C 20 7.92 18.47 -3.76
CA GLY C 20 9.20 17.88 -4.24
C GLY C 20 10.28 18.94 -4.41
N ASN C 21 10.99 18.96 -5.54
CA ASN C 21 12.03 19.93 -5.82
C ASN C 21 11.46 21.34 -5.94
N SER C 22 10.20 21.50 -6.33
CA SER C 22 9.54 22.80 -6.44
C SER C 22 9.21 23.41 -5.08
N ALA C 23 9.24 22.58 -4.04
CA ALA C 23 9.01 22.95 -2.68
C ALA C 23 10.36 23.15 -1.95
N ALA C 24 11.31 22.27 -2.18
CA ALA C 24 12.60 22.30 -1.55
C ALA C 24 13.65 23.24 -2.14
N GLU C 25 13.73 23.35 -3.44
CA GLU C 25 14.76 24.17 -4.07
C GLU C 25 14.87 25.61 -3.61
N PHE C 26 13.79 26.38 -3.63
CA PHE C 26 13.86 27.78 -3.26
C PHE C 26 14.30 27.99 -1.82
N PRO C 27 13.75 27.29 -0.85
CA PRO C 27 14.15 27.45 0.52
C PRO C 27 15.61 27.03 0.71
N ARG C 29 18.10 27.21 -1.49
CA ARG C 29 18.94 28.24 -2.10
C ARG C 29 18.88 29.53 -1.27
N ARG C 30 17.71 29.79 -0.65
CA ARG C 30 17.55 30.98 0.21
C ARG C 30 18.47 30.95 1.42
N LEU C 31 18.86 29.77 1.89
CA LEU C 31 19.79 29.56 2.97
C LEU C 31 21.24 29.64 2.47
N GLY C 32 21.45 29.71 1.14
CA GLY C 32 22.79 29.83 0.64
C GLY C 32 23.43 28.60 0.10
N ALA C 33 22.71 27.52 -0.13
CA ALA C 33 23.28 26.30 -0.71
C ALA C 33 22.91 26.19 -2.19
N ASN C 34 23.77 25.53 -2.97
CA ASN C 34 23.41 25.30 -4.36
C ASN C 34 22.60 24.01 -4.46
N VAL C 35 21.65 23.98 -5.37
CA VAL C 35 20.79 22.87 -5.67
C VAL C 35 20.77 22.57 -7.18
N TRP C 36 21.14 21.36 -7.54
CA TRP C 36 21.12 20.85 -8.92
C TRP C 36 19.84 20.01 -9.01
N PRO C 37 18.76 20.58 -9.53
CA PRO C 37 17.47 19.95 -9.55
C PRO C 37 17.24 18.93 -10.66
N LEU C 38 17.51 17.68 -10.36
CA LEU C 38 17.32 16.61 -11.35
C LEU C 38 15.85 16.18 -11.17
N ASN C 39 14.99 16.88 -11.89
CA ASN C 39 13.56 16.66 -11.79
C ASN C 39 13.13 15.31 -12.33
N THR C 40 12.42 14.54 -11.50
CA THR C 40 11.98 13.22 -11.97
C THR C 40 10.77 13.28 -12.89
N VAL C 41 9.96 14.30 -12.79
CA VAL C 41 8.78 14.57 -13.57
C VAL C 41 8.64 16.10 -13.82
N GLN C 42 7.87 16.45 -14.82
CA GLN C 42 7.34 17.80 -14.99
C GLN C 42 5.82 17.78 -15.09
N PHE C 43 5.24 18.00 -13.95
CA PHE C 43 3.80 17.95 -13.81
C PHE C 43 3.23 19.36 -13.72
N SER C 44 1.98 19.53 -14.15
CA SER C 44 1.32 20.82 -14.12
C SER C 44 1.18 21.33 -12.69
N ASN C 45 0.79 20.43 -11.79
CA ASN C 45 0.62 20.73 -10.37
C ASN C 45 0.79 19.44 -9.58
N HIS C 46 0.81 19.47 -8.27
CA HIS C 46 1.00 18.30 -7.42
C HIS C 46 -0.23 17.39 -7.44
N THR C 47 -0.05 16.12 -7.04
CA THR C 47 -1.07 15.12 -7.11
C THR C 47 -2.27 15.27 -6.21
N GLN C 48 -2.18 15.93 -5.08
CA GLN C 48 -3.27 16.12 -4.13
C GLN C 48 -4.44 16.95 -4.58
N TYR C 49 -4.37 17.49 -5.79
CA TYR C 49 -5.47 18.27 -6.36
C TYR C 49 -6.43 17.25 -6.98
N GLY C 50 -5.95 16.03 -7.19
CA GLY C 50 -6.67 14.92 -7.76
C GLY C 50 -6.60 14.83 -9.26
N LYS C 51 -5.90 15.75 -9.91
CA LYS C 51 -5.78 15.81 -11.36
C LYS C 51 -4.55 16.66 -11.73
N TRP C 52 -3.87 16.27 -12.79
CA TRP C 52 -2.66 16.95 -13.25
C TRP C 52 -2.34 16.50 -14.67
N THR C 53 -1.47 17.19 -15.37
CA THR C 53 -1.03 16.84 -16.72
C THR C 53 0.51 16.76 -16.66
N GLY C 54 1.20 16.43 -17.75
CA GLY C 54 2.65 16.35 -17.70
C GLY C 54 3.16 14.93 -17.88
N VAL C 56 6.42 11.73 -16.87
CA VAL C 56 7.45 11.21 -15.96
C VAL C 56 8.73 10.98 -16.72
N PRO C 58 11.85 9.00 -17.64
CA PRO C 58 12.27 7.61 -17.46
C PRO C 58 13.46 7.61 -16.51
N PRO C 59 13.63 6.55 -15.71
CA PRO C 59 14.73 6.45 -14.78
C PRO C 59 16.09 6.56 -15.42
N SER C 60 16.22 6.11 -16.68
CA SER C 60 17.47 6.17 -17.41
C SER C 60 17.85 7.61 -17.74
N HIS C 61 16.86 8.51 -17.79
CA HIS C 61 17.19 9.93 -18.05
C HIS C 61 17.95 10.46 -16.85
N LEU C 62 17.54 10.06 -15.63
CA LEU C 62 18.25 10.53 -14.43
C LEU C 62 19.73 10.16 -14.49
N THR C 63 19.97 8.89 -14.80
CA THR C 63 21.31 8.34 -14.93
C THR C 63 22.11 9.03 -16.01
N GLU C 64 21.45 9.32 -17.15
CA GLU C 64 22.23 9.98 -18.21
C GLU C 64 22.53 11.43 -17.86
N ILE C 65 21.67 12.12 -17.13
CA ILE C 65 21.94 13.52 -16.74
C ILE C 65 23.22 13.57 -15.93
N VAL C 66 23.34 12.62 -14.99
CA VAL C 66 24.53 12.55 -14.12
C VAL C 66 25.77 12.24 -14.92
N GLN C 67 25.57 11.40 -15.97
CA GLN C 67 26.70 11.08 -16.85
C GLN C 67 27.14 12.37 -17.56
N GLY C 68 26.15 13.23 -17.88
CA GLY C 68 26.49 14.50 -18.55
C GLY C 68 27.35 15.33 -17.59
N ILE C 69 26.90 15.36 -16.33
CA ILE C 69 27.57 16.10 -15.29
C ILE C 69 28.96 15.58 -15.08
N ALA C 70 29.16 14.27 -15.07
CA ALA C 70 30.49 13.69 -14.88
C ALA C 70 31.38 13.96 -16.09
N ALA C 71 30.82 14.03 -17.28
CA ALA C 71 31.51 14.30 -18.54
C ALA C 71 32.12 15.69 -18.55
N ILE C 72 31.50 16.66 -17.86
CA ILE C 72 32.08 17.99 -17.76
C ILE C 72 32.94 18.09 -16.52
N ASP C 73 33.23 16.96 -15.86
CA ASP C 73 34.08 16.90 -14.70
C ASP C 73 33.63 17.69 -13.48
N LYS C 74 32.33 17.72 -13.19
CA LYS C 74 31.83 18.48 -12.05
C LYS C 74 31.19 17.59 -10.99
N LEU C 75 31.17 16.28 -11.20
CA LEU C 75 30.55 15.39 -10.22
C LEU C 75 31.27 15.42 -8.89
N HIS C 76 32.58 15.62 -8.84
CA HIS C 76 33.33 15.68 -7.60
C HIS C 76 32.96 16.89 -6.75
N THR C 77 32.23 17.87 -7.27
CA THR C 77 31.80 19.05 -6.57
C THR C 77 30.48 18.85 -5.82
N CYS C 78 29.81 17.71 -6.09
CA CYS C 78 28.58 17.37 -5.42
C CYS C 78 28.84 16.98 -3.96
N ASP C 79 28.17 17.69 -3.04
CA ASP C 79 28.34 17.40 -1.62
C ASP C 79 27.34 16.39 -1.09
N ALA C 80 26.20 16.26 -1.79
CA ALA C 80 25.16 15.35 -1.35
C ALA C 80 24.10 15.10 -2.41
N VAL C 81 23.44 13.96 -2.29
CA VAL C 81 22.33 13.59 -3.13
C VAL C 81 21.09 13.60 -2.22
N LEU C 82 19.99 14.12 -2.68
CA LEU C 82 18.77 14.17 -1.89
C LEU C 82 17.60 13.56 -2.66
N SER C 83 16.86 12.65 -2.01
CA SER C 83 15.71 11.99 -2.64
C SER C 83 14.48 12.02 -1.71
N GLY C 84 13.27 11.91 -2.25
CA GLY C 84 12.05 11.93 -1.43
C GLY C 84 11.02 10.97 -2.02
N TYR C 85 9.92 11.49 -2.57
CA TYR C 85 8.91 10.60 -3.15
C TYR C 85 9.39 9.92 -4.42
N LEU C 86 9.21 8.59 -4.47
CA LEU C 86 9.62 7.81 -5.62
C LEU C 86 8.39 7.21 -6.32
N GLY C 87 8.34 7.32 -7.64
CA GLY C 87 7.23 6.75 -8.39
C GLY C 87 7.38 5.24 -8.51
N SER C 88 8.62 4.76 -8.65
CA SER C 88 8.89 3.35 -8.80
C SER C 88 10.20 2.92 -8.13
N ALA C 89 10.37 1.60 -8.07
CA ALA C 89 11.55 0.98 -7.51
C ALA C 89 12.71 1.19 -8.48
N GLU C 90 12.37 1.21 -9.76
CA GLU C 90 13.36 1.44 -10.81
C GLU C 90 13.96 2.83 -10.64
N GLN C 91 13.13 3.84 -10.36
CA GLN C 91 13.64 5.19 -10.10
C GLN C 91 14.60 5.16 -8.91
N GLY C 92 14.19 4.47 -7.84
CA GLY C 92 15.02 4.34 -6.66
C GLY C 92 16.39 3.73 -6.94
N GLU C 93 16.43 2.65 -7.71
CA GLU C 93 17.67 1.94 -8.05
C GLU C 93 18.62 2.80 -8.89
N HIS C 94 18.03 3.58 -9.80
CA HIS C 94 18.83 4.50 -10.62
C HIS C 94 19.43 5.57 -9.70
N ILE C 95 18.64 5.99 -8.71
CA ILE C 95 19.16 7.01 -7.78
C ILE C 95 20.29 6.40 -6.95
N LEU C 96 20.16 5.12 -6.60
CA LEU C 96 21.23 4.47 -5.82
C LEU C 96 22.45 4.30 -6.72
N GLY C 97 22.25 4.05 -8.02
CA GLY C 97 23.40 3.97 -8.93
C GLY C 97 24.05 5.39 -8.94
N ILE C 98 23.24 6.43 -8.97
CA ILE C 98 23.74 7.82 -8.96
C ILE C 98 24.52 8.11 -7.69
N VAL C 99 24.01 7.76 -6.51
CA VAL C 99 24.71 7.99 -5.22
C VAL C 99 26.06 7.30 -5.24
N ARG C 100 26.11 6.07 -5.79
CA ARG C 100 27.41 5.38 -5.86
C ARG C 100 28.38 6.19 -6.71
N GLN C 101 27.90 6.65 -7.87
CA GLN C 101 28.76 7.45 -8.75
C GLN C 101 29.25 8.72 -8.09
N VAL C 102 28.37 9.42 -7.35
CA VAL C 102 28.76 10.62 -6.62
C VAL C 102 29.81 10.33 -5.56
N LYS C 103 29.64 9.26 -4.81
CA LYS C 103 30.57 8.90 -3.74
C LYS C 103 31.94 8.51 -4.28
N ALA C 104 31.97 7.89 -5.44
CA ALA C 104 33.21 7.51 -6.10
C ALA C 104 33.93 8.79 -6.55
N ALA C 105 33.16 9.80 -7.00
CA ALA C 105 33.73 11.06 -7.42
C ALA C 105 34.10 11.90 -6.20
N ASN C 106 33.29 11.86 -5.15
CA ASN C 106 33.52 12.62 -3.92
C ASN C 106 33.19 11.75 -2.72
N PRO C 107 34.24 11.11 -2.18
CA PRO C 107 34.12 10.22 -1.01
C PRO C 107 33.50 10.88 0.19
N GLN C 108 33.41 12.20 0.29
CA GLN C 108 32.72 12.81 1.41
C GLN C 108 31.25 13.05 1.12
N ALA C 109 30.78 12.85 -0.11
CA ALA C 109 29.37 13.11 -0.41
C ALA C 109 28.41 12.34 0.51
N LYS C 110 27.26 12.91 0.84
CA LYS C 110 26.29 12.23 1.69
C LYS C 110 24.98 11.95 0.98
N TYR C 111 24.31 10.86 1.35
CA TYR C 111 23.01 10.58 0.73
C TYR C 111 21.89 10.86 1.71
N PHE C 112 21.00 11.83 1.41
CA PHE C 112 19.90 12.13 2.30
C PHE C 112 18.66 11.45 1.69
N CYS C 113 18.12 10.45 2.38
CA CYS C 113 16.92 9.81 1.89
C CYS C 113 15.70 10.23 2.71
N ASP C 114 14.70 10.79 2.04
CA ASP C 114 13.44 11.15 2.71
C ASP C 114 12.55 9.98 2.25
N PRO C 115 12.35 8.99 3.11
CA PRO C 115 11.62 7.78 2.73
C PRO C 115 10.12 7.92 2.69
N VAL C 116 9.63 8.72 1.75
CA VAL C 116 8.23 9.01 1.59
C VAL C 116 7.45 7.76 1.18
N GLY C 118 4.25 6.82 3.56
CA GLY C 118 2.92 6.86 4.15
C GLY C 118 2.58 8.04 5.02
N HIS C 119 1.27 8.14 5.29
CA HIS C 119 0.67 9.18 6.11
C HIS C 119 -0.14 8.58 7.25
N PRO C 120 -0.12 9.25 8.40
CA PRO C 120 -0.78 8.84 9.62
C PRO C 120 -2.20 8.35 9.51
N GLU C 121 -3.02 9.07 8.76
CA GLU C 121 -4.42 8.76 8.57
C GLU C 121 -4.76 8.28 7.17
N LYS C 122 -3.94 8.63 6.18
CA LYS C 122 -4.20 8.23 4.80
C LYS C 122 -3.68 6.84 4.49
N GLY C 123 -2.67 6.38 5.22
CA GLY C 123 -2.11 5.05 4.97
C GLY C 123 -0.97 5.12 3.96
N CYS C 124 -0.68 4.01 3.30
CA CYS C 124 0.40 3.90 2.32
C CYS C 124 0.10 4.66 1.04
N ILE C 125 0.88 5.71 0.77
CA ILE C 125 0.67 6.53 -0.41
C ILE C 125 1.66 6.25 -1.52
N VAL C 126 2.46 5.18 -1.39
CA VAL C 126 3.42 4.86 -2.43
C VAL C 126 3.18 3.43 -2.95
N ALA C 127 3.78 3.15 -4.11
CA ALA C 127 3.65 1.81 -4.67
C ALA C 127 4.31 0.82 -3.71
N PRO C 128 3.99 -0.46 -3.88
CA PRO C 128 4.50 -1.53 -3.05
C PRO C 128 5.96 -1.82 -3.31
N GLY C 129 6.43 -1.58 -4.54
CA GLY C 129 7.84 -1.79 -4.86
C GLY C 129 8.69 -0.67 -4.26
N VAL C 130 8.09 0.51 -4.04
CA VAL C 130 8.82 1.63 -3.46
C VAL C 130 9.07 1.36 -1.98
N ALA C 131 8.03 0.88 -1.31
CA ALA C 131 8.11 0.52 0.09
C ALA C 131 9.21 -0.51 0.29
N GLU C 132 9.17 -1.55 -0.53
CA GLU C 132 10.18 -2.61 -0.46
C GLU C 132 11.57 -1.98 -0.67
N PHE C 133 11.66 -1.14 -1.69
CA PHE C 133 12.88 -0.44 -2.03
C PHE C 133 13.50 0.26 -0.83
N HIS C 134 12.75 1.14 -0.14
CA HIS C 134 13.41 1.81 0.98
C HIS C 134 13.81 0.89 2.12
N VAL C 135 12.94 -0.04 2.50
CA VAL C 135 13.22 -0.93 3.61
C VAL C 135 14.44 -1.79 3.37
N ARG C 136 14.66 -2.23 2.14
CA ARG C 136 15.75 -3.09 1.77
C ARG C 136 16.95 -2.46 1.12
N HIS C 137 16.83 -1.40 0.33
CA HIS C 137 18.02 -0.83 -0.33
C HIS C 137 18.30 0.61 -0.02
N GLY C 138 17.31 1.49 -0.11
CA GLY C 138 17.52 2.91 0.21
C GLY C 138 17.96 3.15 1.64
N LEU C 139 17.39 2.42 2.61
CA LEU C 139 17.77 2.63 4.01
C LEU C 139 19.25 2.36 4.23
N PRO C 140 19.80 1.20 3.92
CA PRO C 140 21.21 0.88 4.09
C PRO C 140 22.16 1.80 3.33
N ALA C 141 21.72 2.38 2.22
CA ALA C 141 22.48 3.30 1.40
C ALA C 141 22.54 4.73 1.97
N SER C 142 21.48 5.13 2.64
CA SER C 142 21.37 6.47 3.21
C SER C 142 22.37 6.79 4.31
N ASP C 143 22.74 8.07 4.40
CA ASP C 143 23.64 8.56 5.44
C ASP C 143 22.78 9.36 6.44
N ILE C 144 21.73 9.97 5.87
CA ILE C 144 20.80 10.75 6.69
C ILE C 144 19.39 10.28 6.27
N ILE C 145 18.50 9.95 7.19
CA ILE C 145 17.16 9.47 6.80
C ILE C 145 16.09 10.19 7.58
N ALA C 146 14.94 10.50 6.96
CA ALA C 146 13.92 11.30 7.65
C ALA C 146 12.51 10.80 7.56
N PRO C 147 12.22 9.67 8.22
CA PRO C 147 10.88 9.11 8.17
C PRO C 147 9.93 9.79 9.14
N ASN C 148 8.66 9.87 8.76
CA ASN C 148 7.63 10.37 9.69
C ASN C 148 7.34 9.09 10.50
N LEU C 149 6.47 9.08 11.49
CA LEU C 149 6.21 7.90 12.29
C LEU C 149 5.83 6.66 11.51
N VAL C 150 4.91 6.73 10.56
CA VAL C 150 4.46 5.63 9.76
C VAL C 150 5.65 4.97 9.06
N GLU C 151 6.40 5.80 8.33
CA GLU C 151 7.59 5.35 7.64
C GLU C 151 8.62 4.72 8.55
N LEU C 152 8.75 5.20 9.77
CA LEU C 152 9.66 4.69 10.76
C LEU C 152 9.27 3.28 11.23
N GLU C 153 7.95 3.04 11.27
CA GLU C 153 7.45 1.73 11.66
C GLU C 153 7.70 0.74 10.52
N ILE C 154 7.52 1.21 9.29
CA ILE C 154 7.73 0.41 8.10
C ILE C 154 9.21 0.02 8.00
N LEU C 155 10.04 1.02 8.30
CA LEU C 155 11.49 0.87 8.24
C LEU C 155 12.04 -0.05 9.31
N CYS C 156 11.60 0.12 10.55
CA CYS C 156 12.03 -0.69 11.66
C CYS C 156 11.25 -2.00 11.74
N GLU C 157 10.16 -2.12 11.00
CA GLU C 157 9.35 -3.31 10.91
C GLU C 157 8.57 -3.68 12.15
N HIS C 158 8.35 -2.69 13.00
CA HIS C 158 7.60 -2.91 14.24
C HIS C 158 6.84 -1.62 14.56
N ALA C 159 6.05 -1.67 15.61
CA ALA C 159 5.27 -0.51 15.99
C ALA C 159 6.03 0.40 16.93
N VAL C 160 5.81 1.70 16.71
CA VAL C 160 6.42 2.74 17.54
C VAL C 160 5.23 3.51 18.11
N ASN C 161 5.10 3.49 19.43
CA ASN C 161 3.96 4.08 20.10
C ASN C 161 4.28 5.21 21.06
N ASN C 162 5.55 5.46 21.30
CA ASN C 162 5.94 6.55 22.20
C ASN C 162 7.31 7.11 21.81
N VAL C 163 7.66 8.29 22.30
CA VAL C 163 8.93 8.92 21.97
C VAL C 163 10.14 8.05 22.28
N GLU C 164 10.20 7.45 23.46
CA GLU C 164 11.34 6.63 23.86
C GLU C 164 11.53 5.42 22.97
N GLU C 165 10.47 4.92 22.33
CA GLU C 165 10.61 3.82 21.39
C GLU C 165 10.96 4.41 20.00
N ALA C 166 10.72 5.72 19.85
CA ALA C 166 11.05 6.38 18.58
C ALA C 166 12.58 6.52 18.53
N VAL C 167 13.18 6.84 19.67
CA VAL C 167 14.65 6.95 19.75
C VAL C 167 15.25 5.58 19.51
N LEU C 168 14.71 4.55 20.17
CA LEU C 168 15.26 3.20 19.95
C LEU C 168 15.16 2.76 18.51
N ALA C 169 14.00 2.96 17.90
CA ALA C 169 13.72 2.61 16.52
C ALA C 169 14.60 3.38 15.53
N ALA C 170 14.82 4.68 15.80
CA ALA C 170 15.71 5.47 14.92
C ALA C 170 17.10 4.83 15.02
N ARG C 171 17.49 4.41 16.23
CA ARG C 171 18.79 3.75 16.41
C ARG C 171 18.85 2.41 15.72
N GLU C 172 17.70 1.76 15.47
CA GLU C 172 17.68 0.52 14.71
C GLU C 172 17.96 0.89 13.24
N LEU C 173 17.51 2.09 12.80
CA LEU C 173 17.81 2.46 11.39
C LEU C 173 19.28 2.82 11.24
N ILE C 174 19.84 3.46 12.25
CA ILE C 174 21.26 3.86 12.24
C ILE C 174 22.14 2.64 12.11
N ALA C 175 21.74 1.52 12.73
CA ALA C 175 22.48 0.26 12.66
C ALA C 175 22.53 -0.26 11.23
N GLN C 176 21.52 0.11 10.43
CA GLN C 176 21.48 -0.31 9.06
C GLN C 176 22.31 0.59 8.16
N GLY C 177 22.76 1.76 8.63
CA GLY C 177 23.59 2.59 7.76
C GLY C 177 23.72 4.05 8.02
N PRO C 178 22.61 4.79 8.05
CA PRO C 178 22.62 6.21 8.24
C PRO C 178 23.18 6.63 9.58
N GLN C 179 23.82 7.79 9.65
CA GLN C 179 24.40 8.22 10.94
C GLN C 179 23.44 9.18 11.65
N ILE C 180 22.48 9.73 10.89
CA ILE C 180 21.54 10.69 11.49
C ILE C 180 20.12 10.32 11.13
N VAL C 181 19.18 10.39 12.05
CA VAL C 181 17.79 10.09 11.76
C VAL C 181 16.92 11.30 12.17
N LEU C 182 16.08 11.74 11.24
CA LEU C 182 15.15 12.80 11.58
C LEU C 182 13.76 12.16 11.65
N VAL C 183 13.15 12.04 12.83
CA VAL C 183 11.78 11.51 12.80
C VAL C 183 10.97 12.78 12.48
N LYS C 184 10.63 13.01 11.22
CA LYS C 184 9.97 14.24 10.78
C LYS C 184 8.56 14.50 11.24
N HIS C 185 7.84 13.50 11.72
CA HIS C 185 6.46 13.76 12.19
C HIS C 185 6.12 12.61 13.12
N LEU C 186 6.21 12.85 14.43
CA LEU C 186 5.93 11.82 15.41
C LEU C 186 4.45 11.46 15.43
N ALA C 187 3.61 12.49 15.37
CA ALA C 187 2.15 12.26 15.42
C ALA C 187 1.80 11.50 16.70
N ARG C 188 1.06 10.42 16.55
CA ARG C 188 0.62 9.58 17.64
C ARG C 188 1.71 9.20 18.63
N ALA C 189 2.88 8.84 18.15
CA ALA C 189 3.96 8.47 19.06
C ALA C 189 4.59 9.66 19.76
N GLY C 190 4.20 10.89 19.41
CA GLY C 190 4.80 12.04 20.08
C GLY C 190 4.12 12.21 21.44
N TYR C 191 4.46 13.25 22.18
CA TYR C 191 3.87 13.52 23.47
C TYR C 191 2.40 13.93 23.33
N SER C 192 2.10 14.93 22.52
CA SER C 192 0.72 15.36 22.33
C SER C 192 0.30 15.20 20.87
N ARG C 193 -0.98 14.94 20.62
CA ARG C 193 -1.44 14.85 19.23
C ARG C 193 -1.77 16.26 18.72
N ASP C 194 -1.79 17.23 19.61
CA ASP C 194 -2.08 18.62 19.32
C ASP C 194 -0.91 19.35 18.66
N ARG C 195 0.30 19.04 19.11
CA ARG C 195 1.48 19.69 18.61
C ARG C 195 2.18 18.92 17.48
N PHE C 196 3.11 19.64 16.87
CA PHE C 196 3.91 19.04 15.79
C PHE C 196 5.30 18.82 16.41
N GLU C 197 5.60 17.53 16.58
CA GLU C 197 6.84 17.11 17.22
C GLU C 197 7.82 16.38 16.32
N LEU C 199 12.10 14.57 16.19
CA LEU C 199 13.28 14.03 16.79
C LEU C 199 14.49 14.04 15.84
N LEU C 200 15.65 14.37 16.37
CA LEU C 200 16.88 14.36 15.56
C LEU C 200 17.83 13.45 16.38
N VAL C 201 18.01 12.24 15.85
CA VAL C 201 18.83 11.28 16.60
C VAL C 201 20.07 10.81 15.86
N THR C 202 21.13 10.59 16.62
CA THR C 202 22.39 10.06 16.22
C THR C 202 22.67 8.87 17.17
N ALA C 203 23.76 8.15 16.92
CA ALA C 203 24.12 7.02 17.74
C ALA C 203 24.33 7.43 19.19
N ASP C 204 24.91 8.58 19.43
CA ASP C 204 25.19 9.12 20.75
C ASP C 204 24.25 10.21 21.21
N GLU C 205 23.38 10.75 20.35
CA GLU C 205 22.53 11.83 20.84
C GLU C 205 21.09 11.74 20.38
N ALA C 206 20.22 12.46 21.10
CA ALA C 206 18.80 12.50 20.78
C ALA C 206 18.25 13.88 21.17
N TRP C 207 17.75 14.58 20.15
CA TRP C 207 17.21 15.91 20.37
C TRP C 207 15.72 15.92 20.07
N HIS C 208 15.00 16.68 20.91
CA HIS C 208 13.54 16.73 20.69
C HIS C 208 13.08 18.16 20.50
N ILE C 209 12.02 18.35 19.72
CA ILE C 209 11.54 19.72 19.54
C ILE C 209 10.09 19.69 19.15
N SER C 210 9.40 20.81 19.35
CA SER C 210 7.99 20.86 18.95
C SER C 210 7.63 22.26 18.50
N ARG C 211 6.55 22.38 17.78
CA ARG C 211 6.05 23.66 17.30
C ARG C 211 4.55 23.47 17.16
N PRO C 212 3.78 24.55 17.19
CA PRO C 212 2.35 24.45 17.09
C PRO C 212 1.82 23.90 15.78
N LEU C 213 0.72 23.14 15.87
CA LEU C 213 0.06 22.62 14.68
C LEU C 213 -0.72 23.82 14.11
N VAL C 214 -0.77 23.95 12.79
CA VAL C 214 -1.50 25.06 12.16
C VAL C 214 -2.77 24.47 11.55
N ASP C 215 -3.93 25.02 11.85
CA ASP C 215 -5.17 24.47 11.33
C ASP C 215 -5.42 24.83 9.88
N PHE C 216 -5.45 23.86 8.99
CA PHE C 216 -5.70 24.07 7.57
C PHE C 216 -6.96 23.30 7.12
N GLY C 217 -7.61 22.62 8.05
CA GLY C 217 -8.79 21.84 7.80
C GLY C 217 -8.73 20.71 6.80
N ARG C 219 -7.95 20.66 3.62
CA ARG C 219 -7.05 20.89 2.51
C ARG C 219 -5.65 21.23 3.05
N GLN C 220 -4.94 20.20 3.46
CA GLN C 220 -3.60 20.32 4.02
C GLN C 220 -2.52 20.49 2.95
N PRO C 221 -1.76 21.56 3.07
CA PRO C 221 -0.71 21.88 2.12
C PRO C 221 0.30 20.76 1.93
N VAL C 222 0.72 20.56 0.68
CA VAL C 222 1.71 19.55 0.33
C VAL C 222 3.11 20.10 0.35
N GLY C 223 4.10 19.27 0.72
CA GLY C 223 5.46 19.69 0.71
C GLY C 223 6.16 20.05 1.96
N VAL C 224 5.50 20.00 3.10
CA VAL C 224 6.11 20.34 4.39
C VAL C 224 7.33 19.47 4.63
N GLY C 225 7.16 18.18 4.41
CA GLY C 225 8.21 17.18 4.57
C GLY C 225 9.34 17.41 3.57
N ASP C 226 9.00 17.79 2.34
CA ASP C 226 10.00 18.07 1.32
C ASP C 226 10.88 19.25 1.72
N VAL C 227 10.26 20.29 2.27
CA VAL C 227 11.01 21.47 2.72
C VAL C 227 11.83 21.15 3.95
N THR C 228 11.23 20.40 4.91
CA THR C 228 11.91 20.04 6.14
C THR C 228 13.18 19.26 5.86
N SER C 229 13.12 18.28 4.97
CA SER C 229 14.28 17.44 4.64
C SER C 229 15.37 18.27 3.95
N GLY C 230 14.93 19.09 2.99
CA GLY C 230 15.90 19.93 2.26
C GLY C 230 16.63 20.88 3.19
N LEU C 231 15.87 21.63 4.03
CA LEU C 231 16.54 22.56 4.95
C LEU C 231 17.50 21.88 5.91
N LEU C 232 17.12 20.76 6.49
CA LEU C 232 17.93 19.98 7.40
C LEU C 232 19.23 19.57 6.75
N LEU C 233 19.14 19.08 5.52
CA LEU C 233 20.36 18.73 4.77
C LEU C 233 21.24 19.96 4.62
N VAL C 234 20.67 21.13 4.23
CA VAL C 234 21.49 22.33 4.08
C VAL C 234 22.19 22.65 5.39
N LYS C 235 21.41 22.74 6.49
CA LYS C 235 22.01 23.07 7.79
C LYS C 235 23.14 22.13 8.17
N LEU C 236 22.97 20.83 8.04
CA LEU C 236 23.99 19.86 8.37
C LEU C 236 25.26 20.01 7.51
N LEU C 237 25.07 20.18 6.20
CA LEU C 237 26.15 20.38 5.25
C LEU C 237 26.92 21.66 5.58
N GLN C 238 26.22 22.66 6.09
CA GLN C 238 26.83 23.93 6.47
C GLN C 238 27.53 23.85 7.81
N GLY C 239 27.56 22.65 8.43
CA GLY C 239 28.27 22.44 9.66
C GLY C 239 27.54 22.83 10.92
N ALA C 240 26.21 22.99 10.87
CA ALA C 240 25.47 23.36 12.08
C ALA C 240 25.46 22.18 13.04
N THR C 241 25.31 22.53 14.34
CA THR C 241 25.25 21.44 15.31
C THR C 241 23.85 20.84 15.17
N LEU C 242 23.60 19.71 15.81
CA LEU C 242 22.28 19.08 15.77
C LEU C 242 21.21 20.02 16.31
N GLN C 243 21.54 20.72 17.38
CA GLN C 243 20.61 21.64 18.00
C GLN C 243 20.34 22.83 17.06
N GLU C 244 21.40 23.40 16.53
CA GLU C 244 21.29 24.52 15.61
C GLU C 244 20.49 24.10 14.37
N ALA C 245 20.84 22.94 13.80
CA ALA C 245 20.10 22.49 12.61
C ALA C 245 18.63 22.31 12.94
N LEU C 246 18.25 21.57 13.97
CA LEU C 246 16.84 21.35 14.33
C LEU C 246 16.07 22.62 14.66
N GLU C 247 16.66 23.53 15.42
CA GLU C 247 15.94 24.79 15.76
C GLU C 247 15.66 25.63 14.54
N HIS C 248 16.66 25.80 13.66
CA HIS C 248 16.41 26.61 12.44
C HIS C 248 15.41 25.95 11.52
N VAL C 249 15.59 24.66 11.22
CA VAL C 249 14.60 24.02 10.31
C VAL C 249 13.19 24.13 10.85
N THR C 250 13.03 23.89 12.14
CA THR C 250 11.72 23.93 12.80
C THR C 250 11.05 25.29 12.68
N ALA C 251 11.80 26.33 13.03
CA ALA C 251 11.23 27.70 12.95
C ALA C 251 10.97 28.10 11.50
N ALA C 252 11.92 27.80 10.59
CA ALA C 252 11.73 28.17 9.17
C ALA C 252 10.52 27.56 8.53
N VAL C 253 10.25 26.28 8.77
CA VAL C 253 9.09 25.61 8.23
C VAL C 253 7.83 26.19 8.84
N TYR C 254 7.91 26.44 10.16
CA TYR C 254 6.76 27.00 10.85
C TYR C 254 6.45 28.37 10.26
N GLU C 255 7.52 29.14 9.99
CA GLU C 255 7.29 30.44 9.34
C GLU C 255 6.54 30.32 8.03
N ILE C 256 6.93 29.35 7.20
CA ILE C 256 6.25 29.14 5.91
C ILE C 256 4.79 28.78 6.12
N VAL C 258 2.79 29.54 8.77
CA VAL C 258 1.88 30.63 9.24
C VAL C 258 1.58 31.59 8.11
N THR C 259 2.60 31.82 7.24
CA THR C 259 2.37 32.73 6.11
C THR C 259 1.32 32.10 5.20
N THR C 260 1.44 30.79 5.00
CA THR C 260 0.47 30.10 4.14
C THR C 260 -0.94 30.22 4.70
N LYS C 261 -1.10 29.98 5.99
CA LYS C 261 -2.41 30.13 6.66
C LYS C 261 -2.88 31.57 6.45
N ALA C 262 -2.08 32.54 6.90
CA ALA C 262 -2.42 33.96 6.76
C ALA C 262 -2.94 34.37 5.41
N GLN C 264 -4.50 32.38 3.33
CA GLN C 264 -5.61 31.50 2.93
C GLN C 264 -5.24 30.70 1.69
N GLU C 265 -4.02 30.16 1.66
CA GLU C 265 -3.55 29.42 0.53
C GLU C 265 -3.41 27.91 0.81
N TYR C 266 -3.58 27.15 -0.26
CA TYR C 266 -3.45 25.71 -0.26
C TYR C 266 -1.99 25.40 -0.58
N GLU C 267 -1.33 26.23 -1.39
CA GLU C 267 0.08 25.98 -1.72
C GLU C 267 1.01 26.62 -0.70
N LEU C 268 2.06 25.91 -0.32
CA LEU C 268 3.03 26.45 0.62
C LEU C 268 3.65 27.74 0.05
N GLN C 269 3.59 28.80 0.82
CA GLN C 269 4.07 30.12 0.43
C GLN C 269 5.53 30.37 0.73
N VAL C 270 6.40 29.61 0.05
CA VAL C 270 7.84 29.63 0.24
C VAL C 270 8.45 30.96 -0.16
N VAL C 271 7.92 31.55 -1.23
CA VAL C 271 8.46 32.82 -1.69
C VAL C 271 8.01 33.95 -0.77
N ALA C 272 6.75 33.97 -0.39
CA ALA C 272 6.25 35.03 0.50
C ALA C 272 6.98 35.07 1.83
N ALA C 273 7.31 33.92 2.38
CA ALA C 273 7.97 33.87 3.68
C ALA C 273 9.48 33.75 3.64
N GLN C 274 10.12 34.02 2.50
CA GLN C 274 11.53 33.86 2.29
C GLN C 274 12.45 34.45 3.33
N ASP C 275 12.25 35.71 3.71
CA ASP C 275 13.10 36.34 4.71
C ASP C 275 13.09 35.59 6.03
N ARG C 276 11.95 35.02 6.38
CA ARG C 276 11.80 34.26 7.62
C ARG C 276 12.27 32.83 7.47
N ILE C 277 12.68 32.44 6.24
CA ILE C 277 13.25 31.09 6.09
C ILE C 277 14.71 31.27 6.52
N ALA C 278 15.33 32.34 5.98
CA ALA C 278 16.69 32.65 6.33
C ALA C 278 16.82 33.11 7.78
N LYS C 279 15.89 33.92 8.26
CA LYS C 279 15.99 34.42 9.66
C LYS C 279 14.61 34.40 10.29
N PRO C 280 14.26 33.23 10.84
CA PRO C 280 12.98 33.03 11.45
C PRO C 280 12.75 34.00 12.63
N GLU C 281 11.50 34.44 12.78
CA GLU C 281 11.17 35.34 13.90
C GLU C 281 10.81 34.51 15.13
N HIS C 282 10.17 33.37 14.88
CA HIS C 282 9.73 32.47 15.95
C HIS C 282 10.90 31.66 16.49
N TYR C 283 10.95 31.52 17.79
CA TYR C 283 11.95 30.73 18.47
C TYR C 283 11.35 29.50 19.14
N PHE C 284 11.86 28.33 18.78
CA PHE C 284 11.39 27.07 19.38
C PHE C 284 12.65 26.43 19.96
N SER C 285 12.60 26.11 21.24
CA SER C 285 13.76 25.56 21.92
C SER C 285 13.90 24.05 21.83
N ALA C 286 15.05 23.56 21.37
CA ALA C 286 15.23 22.12 21.29
C ALA C 286 15.60 21.59 22.69
N THR C 287 15.27 20.33 22.94
CA THR C 287 15.60 19.72 24.24
C THR C 287 16.51 18.52 24.06
N LYS C 288 17.70 18.55 24.64
CA LYS C 288 18.60 17.38 24.51
C LYS C 288 18.03 16.26 25.39
N LEU C 289 17.51 15.22 24.78
CA LEU C 289 16.90 14.10 25.45
C LEU C 289 17.83 13.13 26.16
N GLU C 290 17.17 12.23 26.87
CA GLU C 290 17.74 11.16 27.66
C GLU C 290 16.61 10.16 27.99
N LEU D 3 -0.82 41.92 -3.70
CA LEU D 3 -0.76 40.53 -4.14
C LEU D 3 0.46 40.23 -5.00
N LYS D 5 3.04 38.89 -7.79
CA LYS D 5 2.94 38.72 -9.24
C LYS D 5 3.39 37.32 -9.61
N ASN D 6 2.63 36.74 -10.56
CA ASN D 6 2.90 35.37 -10.98
C ASN D 6 3.34 35.28 -12.43
N ILE D 7 4.51 34.70 -12.68
CA ILE D 7 5.03 34.55 -14.02
C ILE D 7 5.24 33.11 -14.47
N LEU D 8 4.61 32.79 -15.61
CA LEU D 8 4.82 31.49 -16.23
C LEU D 8 6.06 31.65 -17.12
N ALA D 9 7.17 31.05 -16.75
CA ALA D 9 8.43 31.19 -17.47
C ALA D 9 8.78 29.91 -18.23
N ILE D 10 8.71 30.07 -19.56
CA ILE D 10 8.95 28.92 -20.47
C ILE D 10 10.29 29.02 -21.11
N GLN D 11 11.27 28.26 -20.55
CA GLN D 11 12.64 28.32 -21.04
C GLN D 11 13.45 27.13 -20.53
N SER D 12 14.72 27.04 -20.88
CA SER D 12 15.57 25.90 -20.53
C SER D 12 15.80 25.68 -19.04
N HIS D 13 16.21 24.46 -18.70
CA HIS D 13 16.56 24.03 -17.39
C HIS D 13 17.84 23.16 -17.51
N VAL D 14 18.84 23.51 -16.78
CA VAL D 14 20.09 22.76 -16.75
C VAL D 14 20.18 22.21 -15.32
N VAL D 15 20.59 20.97 -15.12
CA VAL D 15 20.66 20.44 -13.74
C VAL D 15 21.86 21.05 -13.06
N TYR D 16 23.01 20.99 -13.71
CA TYR D 16 24.22 21.62 -13.17
C TYR D 16 24.33 23.04 -13.73
N GLY D 17 24.74 24.04 -12.97
CA GLY D 17 24.92 25.36 -13.50
C GLY D 17 23.64 26.15 -13.72
N HIS D 18 23.79 27.30 -14.39
CA HIS D 18 22.68 28.22 -14.59
C HIS D 18 22.56 28.76 -16.02
N ALA D 19 21.39 28.61 -16.59
CA ALA D 19 21.02 29.09 -17.92
C ALA D 19 19.51 28.97 -18.01
N GLY D 20 18.80 29.80 -18.73
CA GLY D 20 17.35 29.75 -18.85
C GLY D 20 16.66 29.92 -17.50
N ASN D 21 15.69 29.05 -17.19
CA ASN D 21 15.01 29.07 -15.90
C ASN D 21 15.98 28.79 -14.75
N SER D 22 17.04 28.00 -14.99
CA SER D 22 18.00 27.69 -13.95
C SER D 22 18.81 28.91 -13.55
N ALA D 23 18.91 29.90 -14.46
CA ALA D 23 19.61 31.11 -14.11
C ALA D 23 18.63 32.15 -13.55
N ALA D 24 17.47 32.30 -14.17
CA ALA D 24 16.49 33.28 -13.81
C ALA D 24 15.46 32.99 -12.74
N GLU D 25 15.07 31.77 -12.46
CA GLU D 25 14.05 31.52 -11.46
C GLU D 25 14.41 31.99 -10.06
N PHE D 26 15.56 31.62 -9.51
CA PHE D 26 15.98 32.02 -8.17
C PHE D 26 16.06 33.52 -7.98
N PRO D 27 16.70 34.30 -8.85
CA PRO D 27 16.74 35.74 -8.70
C PRO D 27 15.36 36.38 -8.78
N ARG D 29 12.44 35.02 -7.94
CA ARG D 29 11.84 34.66 -6.66
C ARG D 29 12.46 35.47 -5.53
N ARG D 30 13.78 35.70 -5.56
CA ARG D 30 14.46 36.52 -4.55
C ARG D 30 13.91 37.94 -4.51
N LEU D 31 13.36 38.41 -5.64
CA LEU D 31 12.73 39.72 -5.75
C LEU D 31 11.28 39.70 -5.33
N GLY D 32 10.74 38.55 -4.94
CA GLY D 32 9.38 38.52 -4.41
C GLY D 32 8.29 38.17 -5.37
N ALA D 33 8.64 37.69 -6.57
CA ALA D 33 7.60 37.30 -7.52
C ALA D 33 7.57 35.77 -7.54
N ASN D 34 6.44 35.21 -7.98
CA ASN D 34 6.33 33.77 -8.12
C ASN D 34 6.74 33.38 -9.55
N VAL D 35 7.50 32.30 -9.68
CA VAL D 35 7.90 31.79 -10.98
C VAL D 35 7.34 30.36 -11.20
N TRP D 36 6.55 30.15 -12.24
CA TRP D 36 6.03 28.81 -12.57
C TRP D 36 6.98 28.35 -13.69
N PRO D 37 7.99 27.56 -13.36
CA PRO D 37 9.01 27.18 -14.34
C PRO D 37 8.58 26.06 -15.25
N LEU D 38 8.25 26.44 -16.48
CA LEU D 38 7.83 25.50 -17.51
C LEU D 38 9.06 25.28 -18.39
N ASN D 39 9.78 24.21 -18.05
CA ASN D 39 11.03 23.88 -18.69
C ASN D 39 10.85 23.27 -20.09
N THR D 40 11.54 23.88 -21.04
CA THR D 40 11.52 23.50 -22.46
C THR D 40 12.46 22.34 -22.77
N VAL D 41 13.47 22.17 -21.92
CA VAL D 41 14.43 21.12 -21.99
C VAL D 41 14.90 20.79 -20.53
N GLN D 42 15.42 19.62 -20.35
CA GLN D 42 16.21 19.39 -19.15
C GLN D 42 17.51 18.67 -19.48
N PHE D 43 18.52 19.64 -19.52
CA PHE D 43 19.87 19.27 -19.88
C PHE D 43 20.76 19.14 -18.63
N SER D 44 21.87 18.42 -18.77
CA SER D 44 22.81 18.20 -17.74
C SER D 44 23.59 19.47 -17.37
N ASN D 45 23.87 20.31 -18.35
CA ASN D 45 24.62 21.54 -18.26
C ASN D 45 24.37 22.41 -19.50
N HIS D 46 24.84 23.65 -19.54
CA HIS D 46 24.54 24.50 -20.68
C HIS D 46 25.41 24.14 -21.89
N THR D 47 25.06 24.69 -23.04
CA THR D 47 25.73 24.45 -24.31
C THR D 47 27.16 24.90 -24.43
N GLN D 48 27.64 25.84 -23.63
CA GLN D 48 28.99 26.36 -23.74
C GLN D 48 30.06 25.32 -23.45
N TYR D 49 29.75 24.25 -22.71
CA TYR D 49 30.75 23.22 -22.42
C TYR D 49 31.02 22.35 -23.65
N GLY D 50 30.20 22.40 -24.68
CA GLY D 50 30.36 21.65 -25.90
C GLY D 50 29.72 20.26 -25.87
N LYS D 51 29.32 19.81 -24.67
CA LYS D 51 28.70 18.52 -24.48
C LYS D 51 27.58 18.68 -23.43
N TRP D 52 26.53 17.93 -23.58
CA TRP D 52 25.43 17.93 -22.62
C TRP D 52 24.50 16.74 -22.92
N THR D 53 23.90 16.17 -21.89
CA THR D 53 22.93 15.08 -22.07
C THR D 53 21.55 15.58 -21.68
N GLY D 54 20.53 14.74 -21.79
CA GLY D 54 19.17 15.13 -21.43
C GLY D 54 18.32 15.29 -22.69
N VAL D 56 14.88 17.56 -24.99
CA VAL D 56 13.97 18.64 -25.32
C VAL D 56 12.56 18.14 -25.00
N PRO D 58 8.70 17.64 -25.44
CA PRO D 58 7.78 17.70 -26.56
C PRO D 58 7.01 19.01 -26.59
N PRO D 59 6.85 19.64 -27.74
CA PRO D 59 6.07 20.87 -27.83
C PRO D 59 4.69 20.69 -27.23
N SER D 60 4.00 19.57 -27.49
CA SER D 60 2.68 19.33 -26.96
C SER D 60 2.66 19.22 -25.44
N HIS D 61 3.76 18.79 -24.83
CA HIS D 61 3.83 18.70 -23.38
C HIS D 61 3.62 20.09 -22.77
N LEU D 62 4.26 21.10 -23.39
CA LEU D 62 4.16 22.47 -22.95
C LEU D 62 2.68 22.85 -22.86
N THR D 63 1.98 22.65 -23.97
CA THR D 63 0.55 22.95 -24.03
C THR D 63 -0.23 22.23 -22.93
N GLU D 64 0.02 20.94 -22.76
CA GLU D 64 -0.63 20.08 -21.77
C GLU D 64 -0.44 20.60 -20.35
N ILE D 65 0.82 20.98 -20.01
CA ILE D 65 1.07 21.52 -18.67
C ILE D 65 0.15 22.71 -18.40
N VAL D 66 0.11 23.63 -19.34
CA VAL D 66 -0.73 24.82 -19.23
C VAL D 66 -2.21 24.46 -19.12
N GLN D 67 -2.69 23.46 -19.88
CA GLN D 67 -4.08 23.04 -19.77
C GLN D 67 -4.36 22.47 -18.39
N GLY D 68 -3.39 21.79 -17.77
CA GLY D 68 -3.64 21.28 -16.40
C GLY D 68 -3.72 22.44 -15.41
N ILE D 69 -2.90 23.49 -15.61
CA ILE D 69 -2.99 24.63 -14.69
C ILE D 69 -4.37 25.27 -14.84
N ALA D 70 -4.90 25.37 -16.08
CA ALA D 70 -6.24 25.93 -16.27
C ALA D 70 -7.29 25.06 -15.55
N ALA D 71 -7.14 23.75 -15.68
CA ALA D 71 -8.08 22.81 -15.08
C ALA D 71 -8.19 22.89 -13.57
N ILE D 72 -7.17 23.40 -12.87
CA ILE D 72 -7.23 23.56 -11.42
C ILE D 72 -7.59 25.01 -11.09
N ASP D 73 -8.10 25.70 -12.10
CA ASP D 73 -8.59 27.04 -12.11
C ASP D 73 -7.65 28.09 -11.54
N LYS D 74 -6.38 28.04 -11.97
CA LYS D 74 -5.37 28.96 -11.51
C LYS D 74 -4.72 29.73 -12.65
N LEU D 75 -5.14 29.51 -13.89
CA LEU D 75 -4.54 30.20 -15.02
C LEU D 75 -4.82 31.69 -15.03
N HIS D 76 -5.90 32.16 -14.41
CA HIS D 76 -6.25 33.55 -14.36
C HIS D 76 -5.35 34.34 -13.42
N THR D 77 -4.62 33.64 -12.55
CA THR D 77 -3.69 34.32 -11.65
C THR D 77 -2.35 34.58 -12.35
N CYS D 78 -2.15 34.12 -13.57
CA CYS D 78 -0.93 34.35 -14.32
C CYS D 78 -0.89 35.81 -14.80
N ASP D 79 0.14 36.51 -14.38
CA ASP D 79 0.28 37.93 -14.72
C ASP D 79 1.07 38.12 -16.00
N ALA D 80 1.83 37.10 -16.37
CA ALA D 80 2.63 37.22 -17.59
C ALA D 80 3.29 35.88 -17.94
N VAL D 81 3.48 35.69 -19.22
CA VAL D 81 4.12 34.56 -19.84
C VAL D 81 5.48 35.09 -20.37
N LEU D 82 6.53 34.41 -19.97
CA LEU D 82 7.86 34.77 -20.43
C LEU D 82 8.43 33.57 -21.17
N SER D 83 9.00 33.79 -22.35
CA SER D 83 9.64 32.68 -23.07
C SER D 83 11.10 33.10 -23.31
N GLY D 84 11.98 32.14 -23.30
CA GLY D 84 13.40 32.40 -23.53
C GLY D 84 13.90 31.31 -24.52
N TYR D 85 14.90 30.58 -24.11
CA TYR D 85 15.48 29.48 -24.89
C TYR D 85 14.45 28.42 -25.24
N LEU D 86 14.25 28.17 -26.52
CA LEU D 86 13.32 27.15 -27.01
C LEU D 86 14.17 26.03 -27.64
N GLY D 87 13.77 24.77 -27.53
CA GLY D 87 14.57 23.68 -28.12
C GLY D 87 14.24 23.52 -29.61
N SER D 88 13.17 24.16 -30.06
CA SER D 88 12.76 24.08 -31.46
C SER D 88 11.71 25.13 -31.81
N ALA D 89 11.56 25.38 -33.11
CA ALA D 89 10.57 26.30 -33.62
C ALA D 89 9.17 25.81 -33.26
N GLU D 90 9.01 24.49 -33.27
CA GLU D 90 7.73 23.85 -32.94
C GLU D 90 7.32 24.19 -31.52
N GLN D 91 8.30 24.25 -30.59
CA GLN D 91 7.94 24.68 -29.23
C GLN D 91 7.37 26.10 -29.29
N GLY D 92 7.97 26.95 -30.14
CA GLY D 92 7.48 28.33 -30.27
C GLY D 92 6.02 28.42 -30.60
N GLU D 93 5.54 27.70 -31.63
CA GLU D 93 4.11 27.78 -31.97
C GLU D 93 3.23 27.37 -30.81
N HIS D 94 3.66 26.36 -30.04
CA HIS D 94 2.87 25.97 -28.85
C HIS D 94 2.92 27.09 -27.82
N ILE D 95 4.06 27.81 -27.77
CA ILE D 95 4.13 28.94 -26.83
C ILE D 95 3.11 29.99 -27.25
N LEU D 96 2.87 30.16 -28.55
CA LEU D 96 1.86 31.14 -28.96
C LEU D 96 0.47 30.75 -28.49
N GLY D 97 0.14 29.44 -28.56
CA GLY D 97 -1.17 28.99 -28.07
C GLY D 97 -1.24 29.18 -26.55
N ILE D 98 -0.14 28.86 -25.86
CA ILE D 98 -0.09 29.07 -24.40
C ILE D 98 -0.36 30.54 -24.06
N VAL D 99 0.21 31.46 -24.86
CA VAL D 99 -0.02 32.90 -24.58
C VAL D 99 -1.50 33.20 -24.73
N ARG D 100 -2.13 32.63 -25.76
CA ARG D 100 -3.57 32.89 -25.93
C ARG D 100 -4.34 32.34 -24.74
N GLN D 101 -4.05 31.10 -24.34
CA GLN D 101 -4.67 30.46 -23.20
C GLN D 101 -4.66 31.41 -22.00
N VAL D 102 -3.45 31.80 -21.61
CA VAL D 102 -3.25 32.73 -20.52
C VAL D 102 -4.01 34.05 -20.72
N LYS D 103 -3.96 34.67 -21.89
CA LYS D 103 -4.68 35.90 -22.14
C LYS D 103 -6.19 35.71 -22.12
N ALA D 104 -6.70 34.54 -22.48
CA ALA D 104 -8.15 34.28 -22.39
C ALA D 104 -8.54 34.23 -20.92
N ALA D 105 -7.67 33.67 -20.07
CA ALA D 105 -7.93 33.57 -18.64
C ALA D 105 -7.75 34.88 -17.90
N ASN D 106 -6.78 35.69 -18.31
CA ASN D 106 -6.46 36.98 -17.74
C ASN D 106 -6.10 37.94 -18.88
N PRO D 107 -7.05 38.75 -19.32
CA PRO D 107 -6.88 39.69 -20.40
C PRO D 107 -5.79 40.71 -20.16
N GLN D 108 -5.43 41.00 -18.92
CA GLN D 108 -4.37 41.91 -18.58
C GLN D 108 -2.99 41.25 -18.61
N ALA D 109 -2.90 39.94 -18.71
CA ALA D 109 -1.61 39.25 -18.76
C ALA D 109 -0.77 39.74 -19.95
N LYS D 110 0.56 39.76 -19.80
CA LYS D 110 1.45 40.20 -20.87
C LYS D 110 2.32 39.08 -21.39
N TYR D 111 2.80 39.20 -22.64
CA TYR D 111 3.73 38.19 -23.18
C TYR D 111 5.10 38.85 -23.33
N PHE D 112 6.05 38.43 -22.52
CA PHE D 112 7.44 38.90 -22.61
C PHE D 112 8.25 37.88 -23.42
N CYS D 113 8.65 38.28 -24.64
CA CYS D 113 9.46 37.40 -25.46
C CYS D 113 10.95 37.76 -25.41
N ASP D 114 11.76 36.89 -24.83
CA ASP D 114 13.23 37.04 -24.87
C ASP D 114 13.57 36.12 -26.08
N PRO D 115 13.83 36.72 -27.22
CA PRO D 115 14.05 35.97 -28.48
C PRO D 115 15.41 35.34 -28.58
N VAL D 116 15.67 34.36 -27.73
CA VAL D 116 16.96 33.72 -27.65
C VAL D 116 17.31 32.98 -28.94
N GLY D 118 20.74 31.51 -31.49
CA GLY D 118 22.06 30.92 -31.32
C GLY D 118 23.16 31.93 -31.46
N HIS D 119 24.15 31.86 -30.58
CA HIS D 119 25.37 32.67 -30.61
C HIS D 119 26.51 31.66 -30.38
N PRO D 120 26.68 30.75 -31.34
CA PRO D 120 27.61 29.63 -31.30
C PRO D 120 28.99 29.95 -30.84
N GLU D 121 29.50 31.05 -31.37
CA GLU D 121 30.77 31.66 -31.11
C GLU D 121 30.96 31.94 -29.62
N LYS D 122 29.89 32.30 -28.94
CA LYS D 122 29.90 32.59 -27.51
C LYS D 122 29.46 31.38 -26.71
N GLY D 123 29.34 30.23 -27.36
CA GLY D 123 28.94 29.00 -26.70
C GLY D 123 27.45 28.78 -26.56
N CYS D 124 26.61 29.62 -27.15
CA CYS D 124 25.15 29.45 -27.03
C CYS D 124 24.63 28.78 -28.29
N ILE D 125 24.20 27.54 -28.15
CA ILE D 125 23.73 26.75 -29.29
C ILE D 125 22.23 26.63 -29.30
N VAL D 126 21.59 27.09 -30.36
CA VAL D 126 20.15 27.07 -30.51
C VAL D 126 19.76 26.34 -31.80
N ALA D 127 18.70 25.56 -31.73
CA ALA D 127 18.22 24.76 -32.84
C ALA D 127 17.84 25.60 -34.05
N PRO D 128 18.12 25.06 -35.25
CA PRO D 128 17.81 25.73 -36.49
C PRO D 128 16.32 25.99 -36.54
N GLY D 129 15.89 27.16 -37.02
CA GLY D 129 14.45 27.43 -37.09
C GLY D 129 13.92 28.28 -35.95
N VAL D 130 14.61 28.26 -34.80
CA VAL D 130 14.12 29.07 -33.67
C VAL D 130 14.17 30.54 -34.02
N ALA D 131 15.25 30.96 -34.69
CA ALA D 131 15.42 32.34 -35.09
C ALA D 131 14.26 32.80 -35.96
N GLU D 132 13.88 31.99 -36.93
CA GLU D 132 12.78 32.28 -37.85
C GLU D 132 11.47 32.42 -37.14
N PHE D 133 11.17 31.55 -36.17
CA PHE D 133 9.92 31.66 -35.42
C PHE D 133 9.80 33.02 -34.73
N HIS D 134 10.87 33.52 -34.10
CA HIS D 134 10.82 34.80 -33.38
C HIS D 134 10.52 35.98 -34.30
N VAL D 135 11.22 36.00 -35.42
CA VAL D 135 11.10 37.00 -36.45
C VAL D 135 9.67 37.08 -37.00
N ARG D 136 9.15 35.93 -37.39
CA ARG D 136 7.83 35.92 -38.01
C ARG D 136 6.64 35.83 -37.12
N HIS D 137 6.70 35.12 -35.99
CA HIS D 137 5.58 34.95 -35.10
C HIS D 137 5.80 35.43 -33.65
N GLY D 138 6.96 35.21 -33.09
CA GLY D 138 7.31 35.61 -31.73
C GLY D 138 7.18 37.12 -31.54
N LEU D 139 7.86 37.85 -32.40
CA LEU D 139 7.84 39.29 -32.43
C LEU D 139 6.44 39.88 -32.42
N PRO D 140 5.59 39.60 -33.40
CA PRO D 140 4.26 40.15 -33.49
C PRO D 140 3.36 39.82 -32.33
N ALA D 141 3.55 38.70 -31.66
CA ALA D 141 2.73 38.31 -30.54
C ALA D 141 3.21 38.94 -29.22
N SER D 142 4.46 39.44 -29.20
CA SER D 142 4.98 39.99 -27.95
C SER D 142 4.44 41.35 -27.51
N ASP D 143 4.45 41.53 -26.18
CA ASP D 143 4.05 42.78 -25.53
C ASP D 143 5.35 43.50 -25.14
N ILE D 144 6.32 42.69 -24.74
CA ILE D 144 7.66 43.06 -24.41
C ILE D 144 8.63 42.12 -25.12
N ILE D 145 9.70 42.67 -25.69
CA ILE D 145 10.70 41.84 -26.38
C ILE D 145 12.08 42.25 -25.96
N ALA D 146 12.98 41.28 -25.78
CA ALA D 146 14.31 41.64 -25.29
C ALA D 146 15.49 41.15 -26.06
N PRO D 147 15.65 41.57 -27.32
CA PRO D 147 16.82 41.14 -28.05
C PRO D 147 18.11 41.80 -27.62
N ASN D 148 19.20 41.01 -27.77
CA ASN D 148 20.55 41.51 -27.61
C ASN D 148 20.81 42.13 -29.03
N LEU D 149 21.94 42.71 -29.31
CA LEU D 149 22.20 43.34 -30.60
C LEU D 149 22.05 42.40 -31.79
N VAL D 150 22.60 41.18 -31.73
CA VAL D 150 22.48 40.26 -32.86
C VAL D 150 21.03 39.91 -33.13
N GLU D 151 20.24 39.62 -32.10
CA GLU D 151 18.85 39.26 -32.27
C GLU D 151 18.00 40.43 -32.77
N LEU D 152 18.35 41.63 -32.41
CA LEU D 152 17.70 42.86 -32.80
C LEU D 152 17.92 43.04 -34.32
N GLU D 153 19.16 42.79 -34.76
CA GLU D 153 19.48 42.92 -36.19
C GLU D 153 18.69 41.90 -37.00
N ILE D 154 18.51 40.70 -36.49
CA ILE D 154 17.75 39.65 -37.18
C ILE D 154 16.27 39.97 -37.17
N LEU D 155 15.75 40.50 -36.07
CA LEU D 155 14.36 40.84 -35.95
C LEU D 155 13.97 42.00 -36.86
N CYS D 156 14.77 43.03 -37.01
CA CYS D 156 14.46 44.18 -37.84
C CYS D 156 14.94 44.01 -39.29
N GLU D 157 15.64 42.93 -39.57
CA GLU D 157 16.21 42.56 -40.83
C GLU D 157 17.28 43.46 -41.42
N HIS D 158 18.01 44.21 -40.59
CA HIS D 158 19.07 45.04 -41.09
C HIS D 158 20.14 45.20 -40.01
N ALA D 159 21.26 45.78 -40.39
CA ALA D 159 22.37 46.04 -39.48
C ALA D 159 22.02 47.17 -38.52
N VAL D 160 22.59 47.16 -37.34
CA VAL D 160 22.34 48.22 -36.33
C VAL D 160 23.71 48.59 -35.78
N ASN D 161 24.21 49.80 -36.03
CA ASN D 161 25.55 50.16 -35.64
C ASN D 161 25.77 51.19 -34.60
N ASN D 162 24.77 51.82 -34.01
CA ASN D 162 25.01 52.85 -32.99
C ASN D 162 23.72 53.01 -32.20
N VAL D 163 23.72 53.76 -31.12
CA VAL D 163 22.55 53.92 -30.28
C VAL D 163 21.34 54.42 -31.04
N GLU D 164 21.49 55.52 -31.78
CA GLU D 164 20.36 56.05 -32.54
C GLU D 164 19.76 54.99 -33.44
N GLU D 165 20.56 54.18 -34.14
CA GLU D 165 20.03 53.12 -34.98
C GLU D 165 19.37 52.00 -34.17
N ALA D 166 19.86 51.80 -32.94
CA ALA D 166 19.21 50.77 -32.11
C ALA D 166 17.83 51.31 -31.71
N VAL D 167 17.73 52.60 -31.42
CA VAL D 167 16.43 53.17 -31.06
C VAL D 167 15.45 53.02 -32.21
N LEU D 168 15.92 53.36 -33.41
CA LEU D 168 15.08 53.26 -34.61
C LEU D 168 14.62 51.83 -34.84
N ALA D 169 15.52 50.88 -34.70
CA ALA D 169 15.24 49.47 -34.90
C ALA D 169 14.28 48.96 -33.84
N ALA D 170 14.44 49.42 -32.59
CA ALA D 170 13.48 49.01 -31.55
C ALA D 170 12.08 49.53 -31.90
N ARG D 171 11.95 50.74 -32.45
CA ARG D 171 10.58 51.22 -32.80
C ARG D 171 10.05 50.51 -34.02
N GLU D 172 10.92 49.93 -34.83
CA GLU D 172 10.42 49.12 -35.97
C GLU D 172 9.78 47.87 -35.37
N LEU D 173 10.36 47.36 -34.28
CA LEU D 173 9.79 46.18 -33.63
C LEU D 173 8.47 46.56 -32.96
N ILE D 174 8.49 47.71 -32.27
CA ILE D 174 7.29 48.20 -31.61
C ILE D 174 6.13 48.31 -32.62
N ALA D 175 6.42 48.81 -33.80
CA ALA D 175 5.43 48.93 -34.87
C ALA D 175 4.78 47.59 -35.20
N GLN D 176 5.46 46.47 -34.99
CA GLN D 176 4.90 45.17 -35.26
C GLN D 176 4.08 44.59 -34.11
N GLY D 177 4.10 45.18 -32.91
CA GLY D 177 3.35 44.58 -31.81
C GLY D 177 3.73 44.95 -30.41
N PRO D 178 4.96 44.71 -29.96
CA PRO D 178 5.35 45.00 -28.59
C PRO D 178 5.36 46.47 -28.23
N GLN D 179 5.01 46.80 -26.99
CA GLN D 179 4.99 48.22 -26.59
C GLN D 179 6.31 48.59 -25.92
N ILE D 180 7.09 47.59 -25.53
CA ILE D 180 8.37 47.84 -24.85
C ILE D 180 9.47 46.95 -25.44
N VAL D 181 10.63 47.52 -25.75
CA VAL D 181 11.75 46.76 -26.27
C VAL D 181 12.96 46.97 -25.33
N LEU D 182 13.56 45.92 -24.83
CA LEU D 182 14.78 46.03 -24.04
C LEU D 182 15.94 45.54 -24.94
N VAL D 183 16.87 46.41 -25.33
CA VAL D 183 18.04 45.89 -26.09
C VAL D 183 18.98 45.46 -24.95
N LYS D 184 19.02 44.14 -24.72
CA LYS D 184 19.70 43.62 -23.55
C LYS D 184 21.20 43.58 -23.57
N HIS D 185 21.77 43.91 -24.71
CA HIS D 185 23.25 43.98 -24.82
C HIS D 185 23.54 44.78 -26.08
N LEU D 186 23.93 46.06 -25.97
CA LEU D 186 24.21 46.84 -27.16
C LEU D 186 25.46 46.41 -27.90
N ALA D 187 26.46 45.97 -27.15
CA ALA D 187 27.72 45.50 -27.69
C ALA D 187 28.32 46.54 -28.63
N ARG D 188 28.54 46.15 -29.88
CA ARG D 188 29.10 47.00 -30.92
C ARG D 188 28.33 48.29 -31.14
N ALA D 189 27.01 48.25 -31.00
CA ALA D 189 26.18 49.42 -31.19
C ALA D 189 26.16 50.40 -30.04
N GLY D 190 26.76 50.08 -28.89
CA GLY D 190 26.79 50.97 -27.75
C GLY D 190 27.81 52.11 -27.93
N TYR D 191 27.91 53.00 -26.94
CA TYR D 191 28.85 54.10 -27.00
C TYR D 191 30.29 53.63 -26.75
N SER D 192 30.47 52.67 -25.86
CA SER D 192 31.81 52.16 -25.56
C SER D 192 31.90 50.65 -25.70
N ARG D 193 33.10 50.23 -26.06
CA ARG D 193 33.48 48.84 -26.26
C ARG D 193 33.72 48.13 -24.93
N ASP D 194 34.25 48.84 -23.95
CA ASP D 194 34.60 48.37 -22.63
C ASP D 194 33.51 48.58 -21.59
N ARG D 195 32.24 48.61 -22.00
CA ARG D 195 31.14 48.82 -21.03
C ARG D 195 29.96 47.91 -21.46
N PHE D 196 29.17 47.51 -20.50
CA PHE D 196 27.97 46.70 -20.74
C PHE D 196 26.84 47.79 -20.79
N GLU D 197 26.26 47.89 -21.96
CA GLU D 197 25.24 48.92 -22.21
C GLU D 197 23.92 48.34 -22.63
N LEU D 199 19.53 49.36 -23.65
CA LEU D 199 18.52 50.33 -24.04
C LEU D 199 17.12 49.79 -23.69
N LEU D 200 16.24 50.61 -23.17
CA LEU D 200 14.87 50.25 -22.84
C LEU D 200 14.02 51.26 -23.61
N VAL D 201 13.31 50.76 -24.63
CA VAL D 201 12.56 51.60 -25.53
C VAL D 201 11.07 51.37 -25.65
N THR D 202 10.35 52.49 -25.68
CA THR D 202 8.90 52.53 -25.88
C THR D 202 8.65 53.45 -27.08
N ALA D 203 7.39 53.62 -27.47
CA ALA D 203 7.10 54.53 -28.60
C ALA D 203 7.46 55.98 -28.29
N ASP D 204 7.40 56.41 -27.04
CA ASP D 204 7.73 57.79 -26.75
C ASP D 204 8.97 57.98 -25.90
N GLU D 205 9.52 56.94 -25.29
CA GLU D 205 10.73 57.11 -24.49
C GLU D 205 11.84 56.12 -24.89
N ALA D 206 13.05 56.50 -24.54
CA ALA D 206 14.24 55.69 -24.79
C ALA D 206 15.23 55.97 -23.66
N TRP D 207 15.49 54.91 -22.88
CA TRP D 207 16.39 54.96 -21.76
C TRP D 207 17.65 54.15 -22.03
N HIS D 208 18.80 54.74 -21.73
CA HIS D 208 20.08 54.09 -21.93
C HIS D 208 20.76 53.87 -20.59
N ILE D 209 21.56 52.81 -20.46
CA ILE D 209 22.26 52.60 -19.19
C ILE D 209 23.57 51.87 -19.49
N SER D 210 24.56 52.06 -18.64
CA SER D 210 25.86 51.43 -18.84
C SER D 210 26.47 51.10 -17.47
N ARG D 211 27.25 50.04 -17.45
CA ARG D 211 27.92 49.62 -16.22
C ARG D 211 29.26 49.07 -16.68
N PRO D 212 30.17 48.91 -15.75
CA PRO D 212 31.49 48.40 -16.10
C PRO D 212 31.44 47.00 -16.63
N LEU D 213 32.40 46.73 -17.53
CA LEU D 213 32.45 45.36 -18.06
C LEU D 213 33.20 44.54 -17.01
N VAL D 214 32.79 43.32 -16.79
CA VAL D 214 33.45 42.43 -15.83
C VAL D 214 34.33 41.50 -16.69
N ASP D 215 35.60 41.35 -16.35
CA ASP D 215 36.47 40.50 -17.18
C ASP D 215 36.55 39.07 -16.70
N PHE D 216 36.24 38.14 -17.59
CA PHE D 216 36.27 36.72 -17.34
C PHE D 216 37.30 36.02 -18.25
N GLY D 217 37.76 36.74 -19.26
CA GLY D 217 38.75 36.20 -20.20
C GLY D 217 38.14 35.96 -21.58
N ARG D 219 36.01 33.45 -22.08
CA ARG D 219 34.79 32.72 -21.81
C ARG D 219 33.67 33.62 -21.31
N GLN D 220 32.75 33.95 -22.23
CA GLN D 220 31.60 34.79 -21.84
C GLN D 220 30.63 33.94 -21.03
N PRO D 221 30.21 34.45 -19.88
CA PRO D 221 29.31 33.76 -18.99
C PRO D 221 27.89 33.61 -19.49
N VAL D 222 27.33 32.41 -19.41
CA VAL D 222 26.00 32.05 -19.84
C VAL D 222 24.92 32.43 -18.84
N GLY D 223 23.74 32.86 -19.34
CA GLY D 223 22.65 33.20 -18.44
C GLY D 223 22.47 34.66 -18.12
N VAL D 224 23.42 35.52 -18.47
CA VAL D 224 23.29 36.96 -18.17
C VAL D 224 22.00 37.47 -18.76
N GLY D 225 21.77 37.19 -20.06
CA GLY D 225 20.51 37.67 -20.65
C GLY D 225 19.27 37.12 -19.97
N ASP D 226 19.28 35.84 -19.54
CA ASP D 226 18.08 35.26 -18.91
C ASP D 226 17.77 35.94 -17.59
N VAL D 227 18.79 36.25 -16.79
CA VAL D 227 18.58 36.92 -15.52
C VAL D 227 18.01 38.32 -15.76
N THR D 228 18.63 39.06 -16.70
CA THR D 228 18.23 40.38 -17.08
C THR D 228 16.76 40.46 -17.49
N SER D 229 16.32 39.57 -18.40
CA SER D 229 14.94 39.58 -18.86
C SER D 229 13.97 39.27 -17.72
N GLY D 230 14.26 38.21 -17.00
CA GLY D 230 13.45 37.77 -15.86
C GLY D 230 13.26 38.87 -14.85
N LEU D 231 14.35 39.50 -14.40
CA LEU D 231 14.25 40.57 -13.41
C LEU D 231 13.52 41.79 -13.95
N LEU D 232 13.71 42.11 -15.24
CA LEU D 232 12.99 43.27 -15.80
C LEU D 232 11.49 43.02 -15.77
N LEU D 233 11.04 41.84 -16.17
CA LEU D 233 9.62 41.54 -16.13
C LEU D 233 9.07 41.63 -14.70
N VAL D 234 9.79 41.09 -13.71
CA VAL D 234 9.38 41.20 -12.33
C VAL D 234 9.17 42.67 -11.94
N LYS D 235 10.21 43.52 -12.14
CA LYS D 235 10.09 44.92 -11.75
C LYS D 235 8.93 45.61 -12.47
N LEU D 236 8.78 45.37 -13.77
CA LEU D 236 7.67 46.04 -14.47
C LEU D 236 6.34 45.60 -13.85
N LEU D 237 6.15 44.29 -13.70
CA LEU D 237 4.93 43.74 -13.12
C LEU D 237 4.71 44.29 -11.73
N GLN D 238 5.75 44.53 -10.94
CA GLN D 238 5.59 45.07 -9.60
C GLN D 238 5.22 46.55 -9.58
N GLY D 239 5.18 47.21 -10.73
CA GLY D 239 4.80 48.61 -10.81
C GLY D 239 5.98 49.56 -10.91
N ALA D 240 7.18 49.06 -11.15
CA ALA D 240 8.33 49.97 -11.25
C ALA D 240 8.25 50.81 -12.53
N THR D 241 8.80 52.03 -12.46
CA THR D 241 8.82 52.86 -13.65
C THR D 241 9.88 52.21 -14.58
N LEU D 242 9.95 52.64 -15.84
CA LEU D 242 10.99 52.05 -16.71
C LEU D 242 12.38 52.33 -16.13
N GLN D 243 12.56 53.56 -15.58
CA GLN D 243 13.88 53.89 -15.04
C GLN D 243 14.22 53.01 -13.85
N GLU D 244 13.34 52.91 -12.88
CA GLU D 244 13.55 52.07 -11.70
C GLU D 244 13.82 50.63 -12.07
N ALA D 245 13.00 50.07 -13.00
CA ALA D 245 13.21 48.67 -13.38
C ALA D 245 14.57 48.47 -14.05
N LEU D 246 14.91 49.37 -14.97
CA LEU D 246 16.19 49.26 -15.67
C LEU D 246 17.35 49.40 -14.69
N GLU D 247 17.28 50.38 -13.79
CA GLU D 247 18.34 50.59 -12.82
C GLU D 247 18.51 49.43 -11.85
N HIS D 248 17.38 48.90 -11.34
CA HIS D 248 17.51 47.76 -10.43
C HIS D 248 18.08 46.55 -11.16
N VAL D 249 17.58 46.25 -12.34
CA VAL D 249 18.04 45.10 -13.12
C VAL D 249 19.54 45.17 -13.38
N THR D 250 19.99 46.32 -13.87
CA THR D 250 21.38 46.56 -14.18
C THR D 250 22.28 46.32 -12.99
N ALA D 251 21.97 46.87 -11.83
CA ALA D 251 22.79 46.69 -10.62
C ALA D 251 22.78 45.28 -10.07
N ALA D 252 21.61 44.62 -10.12
CA ALA D 252 21.54 43.25 -9.57
C ALA D 252 22.41 42.31 -10.39
N VAL D 253 22.27 42.40 -11.71
CA VAL D 253 23.06 41.52 -12.59
C VAL D 253 24.54 41.82 -12.42
N TYR D 254 24.89 43.10 -12.27
CA TYR D 254 26.28 43.48 -12.03
C TYR D 254 26.80 42.78 -10.79
N GLU D 255 26.01 42.80 -9.71
CA GLU D 255 26.38 42.17 -8.46
C GLU D 255 26.66 40.69 -8.64
N ILE D 256 25.83 40.01 -9.43
CA ILE D 256 26.01 38.60 -9.73
C ILE D 256 27.34 38.41 -10.50
N VAL D 258 30.06 40.49 -10.41
CA VAL D 258 31.21 40.75 -9.56
C VAL D 258 31.49 39.60 -8.59
N THR D 259 30.43 38.97 -8.10
CA THR D 259 30.65 37.82 -7.19
C THR D 259 31.20 36.64 -7.98
N THR D 260 30.71 36.47 -9.20
CA THR D 260 31.13 35.40 -10.07
C THR D 260 32.61 35.50 -10.38
N LYS D 261 33.08 36.72 -10.67
CA LYS D 261 34.51 36.91 -10.94
C LYS D 261 35.33 36.72 -9.67
N ALA D 262 34.87 37.24 -8.54
CA ALA D 262 35.56 37.12 -7.26
C ALA D 262 35.82 35.66 -6.91
N GLN D 264 36.00 33.31 -9.07
CA GLN D 264 36.66 32.68 -10.21
C GLN D 264 35.82 31.52 -10.76
N GLU D 265 34.51 31.72 -10.77
CA GLU D 265 33.56 30.74 -11.24
C GLU D 265 33.08 31.09 -12.64
N TYR D 266 32.78 30.07 -13.43
CA TYR D 266 32.29 30.34 -14.79
C TYR D 266 30.78 30.27 -14.85
N GLU D 267 30.15 29.63 -13.87
CA GLU D 267 28.69 29.63 -13.82
C GLU D 267 28.26 30.87 -13.03
N LEU D 268 27.20 31.54 -13.44
CA LEU D 268 26.70 32.71 -12.73
C LEU D 268 26.37 32.36 -11.28
N GLN D 269 27.01 33.04 -10.36
CA GLN D 269 26.80 32.79 -8.92
C GLN D 269 25.55 33.45 -8.38
N VAL D 270 24.35 33.10 -8.86
CA VAL D 270 23.11 33.70 -8.46
C VAL D 270 22.74 33.50 -7.01
N VAL D 271 23.11 32.36 -6.40
CA VAL D 271 22.81 32.16 -5.00
C VAL D 271 23.80 32.92 -4.12
N ALA D 272 25.11 32.86 -4.44
CA ALA D 272 26.05 33.59 -3.56
C ALA D 272 25.74 35.08 -3.52
N ALA D 273 25.21 35.66 -4.59
CA ALA D 273 24.95 37.08 -4.66
C ALA D 273 23.52 37.46 -4.35
N GLN D 274 22.73 36.52 -3.86
CA GLN D 274 21.33 36.77 -3.60
C GLN D 274 20.96 38.02 -2.85
N ASP D 275 21.65 38.39 -1.78
CA ASP D 275 21.27 39.59 -1.03
C ASP D 275 21.53 40.85 -1.82
N ARG D 276 22.51 40.79 -2.72
CA ARG D 276 22.85 41.96 -3.56
C ARG D 276 21.98 42.04 -4.80
N ILE D 277 21.14 41.01 -5.03
CA ILE D 277 20.16 41.02 -6.11
C ILE D 277 18.95 41.81 -5.60
N ALA D 278 18.54 41.49 -4.38
CA ALA D 278 17.47 42.19 -3.69
C ALA D 278 17.89 43.64 -3.43
N LYS D 279 19.07 43.83 -2.82
CA LYS D 279 19.58 45.18 -2.55
C LYS D 279 21.00 45.39 -3.05
N PRO D 280 21.17 45.78 -4.30
CA PRO D 280 22.52 46.01 -4.84
C PRO D 280 23.29 47.05 -4.02
N GLU D 281 24.61 46.92 -4.02
CA GLU D 281 25.46 47.87 -3.31
C GLU D 281 25.96 48.93 -4.28
N HIS D 282 25.95 48.58 -5.56
CA HIS D 282 26.37 49.48 -6.62
C HIS D 282 25.11 49.97 -7.35
N TYR D 283 25.08 51.22 -7.71
CA TYR D 283 23.98 51.85 -8.41
C TYR D 283 24.49 52.46 -9.73
N PHE D 284 23.74 52.29 -10.80
CA PHE D 284 24.09 52.85 -12.12
C PHE D 284 22.90 53.70 -12.58
N SER D 285 23.16 54.96 -12.90
CA SER D 285 22.06 55.81 -13.31
C SER D 285 21.65 55.66 -14.78
N ALA D 286 20.36 55.40 -15.00
CA ALA D 286 19.85 55.29 -16.36
C ALA D 286 19.67 56.71 -16.95
N THR D 287 19.83 56.84 -18.25
CA THR D 287 19.71 58.11 -18.91
C THR D 287 18.59 58.15 -19.94
N LYS D 288 17.71 59.14 -19.81
CA LYS D 288 16.61 59.27 -20.76
C LYS D 288 17.12 60.05 -21.96
N LEU D 289 17.16 59.37 -23.11
CA LEU D 289 17.67 59.95 -24.34
C LEU D 289 16.78 61.06 -24.86
N GLU D 290 17.36 62.26 -24.98
CA GLU D 290 16.61 63.41 -25.45
C GLU D 290 17.33 64.07 -26.62
#